data_6BV2
#
_entry.id   6BV2
#
_cell.length_a   260.359
_cell.length_b   62.923
_cell.length_c   81.733
_cell.angle_alpha   90.00
_cell.angle_beta   100.51
_cell.angle_gamma   90.00
#
_symmetry.space_group_name_H-M   'C 1 2 1'
#
loop_
_entity.id
_entity.type
_entity.pdbx_description
1 polymer 'Aminopeptidase N'
2 branched 2-acetamido-2-deoxy-beta-D-glucopyranose-(1-4)-2-acetamido-2-deoxy-beta-D-glucopyranose-(1-4)-2-acetamido-2-deoxy-beta-D-glucopyranose
3 branched 2-acetamido-2-deoxy-beta-D-glucopyranose-(1-4)-2-acetamido-2-deoxy-beta-D-glucopyranose
4 non-polymer 2-acetamido-2-deoxy-beta-D-glucopyranose
5 non-polymer ISOLEUCINE
6 non-polymer 'SULFATE ION'
7 non-polymer 'ZINC ION'
8 water water
#
_entity_poly.entity_id   1
_entity_poly.type   'polypeptide(L)'
_entity_poly.pdbx_seq_one_letter_code
;QSKPWNRYRLPTTLLPDSYNVTLRPYLTPNADGLYIFKGKSIVRFLCQEPTDVIIIHSKKLNYTTQGHMVVLRGVGDSQV
PEIDRTELVELTEYLVVHLKGSLQPGHMYEMESEFQGELADDLAGFYRSEYMEGNVKKVLATTQMQSTDARKSFPCFDEP
AMKATFNITLIHPNNLTALSNMPPKGSSTPLAEDPNWSVTEFETTPVMSTYLLAYIVSEFQSVNETAQNGVLIRIWARPN
AIAEGHGMYALNVTGPILNFFANHYNTSYPLPKSDQIALPDFNAGAMENWGLVTYRENALLFDPQSSSISNKERVVTVIA
HELAHQWFGNLVTLAWWNDLWLNEGFASYVEYLGADHAEPTWNLKDLIVPGDVYRVMAVDALASSHPLTTPAEEVNTPAQ
ISEMFDSISYSKGASVIRMLSNFLTEDLFKEGLASYLHAFAYQNTTYLDLWEHLQKAVDAQTSIRLPDTVRAIMDRWTLQ
MGFPVITVDTKTGNISQKHFLLDSESNVTRSSAFDYLWIVPISSIKNGVMQDHYWLRDVSQAQNDLFKTASDDWVLLNVN
VTGYFQVNYDEDNWRMIQHQLQTNLSVIPVINRAQVIYDSFNLATAHMVPVTLALDNTLFLNGEKEYMPWQAALSSLSYF
SLMFDRSEVYGPMKKYLRKQVEPLFQHFETLTKNWTERPENLMDQYSEINAISTACSNGLPQCENLAKTLFDQWMSDPEN
NPIHPNLRSTIYCNAIAQGGQDQWDFAWGQLQQAQLVNEADKLRSALACSNEVWLLNRYLGYTLNPDLIRKQDATSTINS
IASNVIGQPLAWDFVQSNWKKLFQDYGGGSFSFSNLIQGVTRRFSSEFELQQLEQFKKNNMDVGFGSGTRALEQALEKTK
ANIKWVKENKEVVLNWFIEHSS
;
_entity_poly.pdbx_strand_id   A
#
# COMPACT_ATOMS: atom_id res chain seq x y z
N GLN A 1 14.83 -36.76 17.37
CA GLN A 1 14.08 -35.47 17.38
C GLN A 1 15.06 -34.30 17.27
N SER A 2 14.55 -33.14 16.93
CA SER A 2 15.27 -31.88 17.33
C SER A 2 14.59 -31.26 18.58
N LYS A 3 15.32 -30.42 19.28
CA LYS A 3 14.81 -29.79 20.53
C LYS A 3 13.77 -28.75 20.15
N PRO A 4 12.61 -28.73 20.83
CA PRO A 4 11.54 -27.83 20.38
C PRO A 4 11.89 -26.35 20.40
N TRP A 5 12.85 -25.95 21.27
CA TRP A 5 13.27 -24.57 21.33
C TRP A 5 14.15 -24.15 20.17
N ASN A 6 14.56 -25.11 19.35
CA ASN A 6 15.25 -24.82 18.10
C ASN A 6 14.34 -24.82 16.84
N ARG A 7 13.03 -24.96 17.04
CA ARG A 7 12.02 -24.83 15.95
C ARG A 7 11.32 -23.52 16.03
N TYR A 8 11.05 -22.94 14.88
CA TYR A 8 10.43 -21.63 14.81
C TYR A 8 8.97 -21.54 15.21
N ARG A 9 8.23 -22.62 15.05
CA ARG A 9 6.83 -22.64 15.43
C ARG A 9 6.74 -23.12 16.89
N LEU A 10 5.86 -22.50 17.67
CA LEU A 10 5.59 -22.88 19.04
C LEU A 10 5.04 -24.30 19.17
N PRO A 11 5.32 -25.00 20.31
CA PRO A 11 4.56 -26.18 20.61
C PRO A 11 3.08 -25.92 20.71
N THR A 12 2.27 -26.97 20.63
CA THR A 12 0.81 -26.78 20.86
C THR A 12 0.39 -27.37 22.22
N THR A 13 1.38 -27.73 23.04
CA THR A 13 1.16 -28.29 24.35
C THR A 13 0.60 -27.31 25.39
N LEU A 14 0.86 -26.02 25.22
CA LEU A 14 0.40 -24.99 26.14
C LEU A 14 -0.30 -23.85 25.39
N LEU A 15 -1.48 -23.48 25.82
CA LEU A 15 -2.24 -22.39 25.20
C LEU A 15 -2.53 -21.27 26.22
N PRO A 16 -2.35 -20.02 25.84
CA PRO A 16 -2.62 -18.93 26.77
C PRO A 16 -4.11 -18.73 27.01
N ASP A 17 -4.48 -18.34 28.23
CA ASP A 17 -5.80 -17.90 28.59
C ASP A 17 -5.91 -16.38 28.67
N SER A 18 -4.99 -15.76 29.40
CA SER A 18 -5.05 -14.31 29.68
C SER A 18 -3.71 -13.78 30.20
N TYR A 19 -3.47 -12.52 29.96
CA TYR A 19 -2.23 -11.87 30.33
C TYR A 19 -2.61 -10.61 31.14
N ASN A 20 -1.82 -10.36 32.17
CA ASN A 20 -1.67 -9.01 32.74
C ASN A 20 -0.35 -8.44 32.28
N VAL A 21 -0.36 -7.25 31.78
CA VAL A 21 0.87 -6.62 31.31
C VAL A 21 0.91 -5.15 31.78
N THR A 22 2.00 -4.83 32.44
CA THR A 22 2.28 -3.47 32.92
C THR A 22 3.57 -2.99 32.32
N LEU A 23 3.49 -1.90 31.60
CA LEU A 23 4.62 -1.33 30.93
C LEU A 23 4.84 0.11 31.45
N ARG A 24 6.12 0.46 31.55
CA ARG A 24 6.51 1.79 32.00
C ARG A 24 7.62 2.34 31.12
N PRO A 25 7.26 3.20 30.16
CA PRO A 25 8.32 3.76 29.34
C PRO A 25 9.04 4.91 30.08
N TYR A 26 10.35 5.00 29.94
CA TYR A 26 11.13 6.14 30.46
C TYR A 26 11.51 7.07 29.29
N LEU A 27 10.78 8.17 29.14
CA LEU A 27 10.91 9.06 28.00
C LEU A 27 12.05 10.04 28.13
N THR A 28 12.85 9.85 29.17
CA THR A 28 14.04 10.64 29.43
C THR A 28 15.25 9.69 29.32
N PRO A 29 16.27 10.06 28.54
CA PRO A 29 17.42 9.19 28.38
C PRO A 29 18.18 8.99 29.70
N ASN A 30 18.79 7.82 29.89
CA ASN A 30 19.61 7.59 31.09
C ASN A 30 20.99 8.23 31.01
N ALA A 31 21.18 9.21 30.10
CA ALA A 31 22.33 10.14 30.20
C ALA A 31 23.69 9.54 29.68
N ASP A 32 23.69 8.25 29.37
CA ASP A 32 24.51 7.74 28.26
C ASP A 32 23.67 7.69 26.99
N GLY A 33 22.50 8.29 27.03
CA GLY A 33 21.66 8.51 25.85
C GLY A 33 20.74 7.35 25.55
N LEU A 34 20.63 6.43 26.50
CA LEU A 34 19.78 5.26 26.35
C LEU A 34 18.38 5.43 26.92
N TYR A 35 17.36 5.23 26.06
CA TYR A 35 15.99 5.19 26.55
C TYR A 35 15.56 3.77 26.83
N ILE A 36 14.93 3.53 27.98
CA ILE A 36 14.42 2.21 28.33
C ILE A 36 12.94 2.15 28.67
N PHE A 37 12.36 0.93 28.65
CA PHE A 37 11.07 0.68 29.26
C PHE A 37 11.19 -0.48 30.23
N LYS A 38 10.35 -0.49 31.25
CA LYS A 38 10.28 -1.59 32.18
C LYS A 38 8.92 -2.27 32.11
N GLY A 39 8.87 -3.56 32.38
CA GLY A 39 7.66 -4.30 32.30
C GLY A 39 7.55 -5.38 33.32
N LYS A 40 6.33 -5.72 33.65
CA LYS A 40 6.01 -6.85 34.48
C LYS A 40 4.83 -7.54 33.79
N SER A 41 4.86 -8.86 33.74
CA SER A 41 3.76 -9.60 33.13
C SER A 41 3.43 -10.83 33.88
N ILE A 42 2.17 -11.18 33.89
CA ILE A 42 1.76 -12.52 34.19
C ILE A 42 0.94 -13.13 33.05
N VAL A 43 1.28 -14.35 32.66
CA VAL A 43 0.47 -15.06 31.69
C VAL A 43 -0.14 -16.28 32.33
N ARG A 44 -1.44 -16.42 32.19
CA ARG A 44 -2.13 -17.62 32.61
C ARG A 44 -2.32 -18.50 31.32
N PHE A 45 -1.92 -19.74 31.40
CA PHE A 45 -2.05 -20.68 30.29
C PHE A 45 -2.50 -22.02 30.80
N LEU A 46 -2.96 -22.82 29.86
CA LEU A 46 -3.58 -24.14 30.11
C LEU A 46 -2.68 -25.18 29.46
N CYS A 47 -2.37 -26.22 30.18
CA CYS A 47 -1.68 -27.38 29.64
C CYS A 47 -2.66 -28.29 28.88
N GLN A 48 -2.40 -28.49 27.60
CA GLN A 48 -3.16 -29.46 26.75
C GLN A 48 -2.57 -30.86 26.78
N GLU A 49 -1.24 -30.94 26.70
CA GLU A 49 -0.52 -32.21 26.70
C GLU A 49 0.64 -32.11 27.70
N PRO A 50 0.92 -33.21 28.41
CA PRO A 50 2.01 -33.14 29.36
C PRO A 50 3.31 -32.68 28.72
N THR A 51 4.02 -31.74 29.32
CA THR A 51 5.35 -31.32 28.89
C THR A 51 6.14 -30.77 30.11
N ASP A 52 7.47 -30.86 30.05
CA ASP A 52 8.36 -30.42 31.10
C ASP A 52 9.18 -29.19 30.69
N VAL A 53 8.64 -28.46 29.72
CA VAL A 53 9.30 -27.30 29.16
C VAL A 53 8.21 -26.28 28.77
N ILE A 54 8.49 -25.02 29.05
CA ILE A 54 7.61 -23.93 28.68
C ILE A 54 8.44 -23.12 27.70
N ILE A 55 7.88 -22.94 26.51
CA ILE A 55 8.49 -22.18 25.47
C ILE A 55 7.54 -21.03 25.12
N ILE A 56 8.05 -19.85 25.18
CA ILE A 56 7.29 -18.62 25.04
C ILE A 56 8.21 -17.66 24.29
N HIS A 57 7.65 -16.73 23.49
CA HIS A 57 8.49 -15.81 22.78
C HIS A 57 9.02 -14.71 23.66
N SER A 58 10.29 -14.37 23.43
CA SER A 58 10.96 -13.20 23.99
C SER A 58 12.03 -12.67 23.05
N LYS A 59 12.06 -11.36 22.87
CA LYS A 59 12.98 -10.68 21.98
C LYS A 59 13.57 -9.41 22.57
N LYS A 60 14.88 -9.40 22.76
CA LYS A 60 15.60 -8.20 23.22
C LYS A 60 15.08 -7.67 24.58
N LEU A 61 14.70 -8.61 25.43
CA LEU A 61 14.33 -8.34 26.79
C LEU A 61 15.38 -8.87 27.78
N ASN A 62 15.77 -8.02 28.70
CA ASN A 62 16.56 -8.42 29.87
C ASN A 62 15.59 -8.69 31.03
N TYR A 63 15.81 -9.76 31.76
CA TYR A 63 14.93 -10.18 32.82
C TYR A 63 15.54 -9.81 34.18
N THR A 64 14.71 -9.21 35.04
CA THR A 64 15.14 -8.86 36.41
C THR A 64 14.25 -9.53 37.45
N THR A 65 13.41 -10.47 37.04
CA THR A 65 12.66 -11.32 37.92
C THR A 65 13.54 -11.87 39.06
N GLN A 66 12.97 -11.89 40.26
CA GLN A 66 13.65 -12.51 41.44
C GLN A 66 13.79 -14.05 41.20
N GLY A 67 14.99 -14.58 41.35
CA GLY A 67 15.26 -15.98 41.13
C GLY A 67 15.65 -16.32 39.68
N HIS A 68 14.92 -17.26 39.10
CA HIS A 68 15.00 -17.51 37.63
C HIS A 68 14.33 -16.35 36.87
N MET A 69 14.35 -16.43 35.56
CA MET A 69 13.77 -15.40 34.71
C MET A 69 12.25 -15.29 34.85
N VAL A 70 11.62 -16.37 35.26
CA VAL A 70 10.21 -16.32 35.61
C VAL A 70 9.98 -16.85 37.03
N VAL A 71 8.80 -16.59 37.54
CA VAL A 71 8.22 -17.35 38.62
C VAL A 71 7.00 -18.09 38.09
N LEU A 72 6.86 -19.35 38.51
CA LEU A 72 5.78 -20.23 38.01
C LEU A 72 4.88 -20.64 39.13
N ARG A 73 3.60 -20.36 39.04
CA ARG A 73 2.62 -20.84 40.05
C ARG A 73 1.53 -21.68 39.42
N GLY A 74 0.86 -22.47 40.26
CA GLY A 74 -0.34 -23.20 39.83
C GLY A 74 -1.54 -22.35 40.07
N VAL A 75 -2.53 -22.44 39.22
CA VAL A 75 -3.78 -21.69 39.37
C VAL A 75 -4.70 -22.55 40.22
N GLY A 76 -5.40 -21.92 41.16
CA GLY A 76 -6.33 -22.64 42.02
C GLY A 76 -5.54 -23.57 42.93
N ASP A 77 -5.82 -24.85 42.89
CA ASP A 77 -5.05 -25.77 43.74
C ASP A 77 -4.12 -26.73 42.97
N SER A 78 -3.75 -26.32 41.77
CA SER A 78 -2.77 -27.08 41.00
C SER A 78 -1.37 -26.93 41.63
N GLN A 79 -0.67 -28.05 41.80
CA GLN A 79 0.73 -28.07 42.07
C GLN A 79 1.45 -27.64 40.83
N VAL A 80 2.69 -27.18 40.99
CA VAL A 80 3.49 -26.73 39.88
C VAL A 80 4.81 -27.42 40.08
N PRO A 81 5.48 -27.83 39.00
CA PRO A 81 6.83 -28.33 39.19
C PRO A 81 7.83 -27.17 39.47
N GLU A 82 8.96 -27.55 40.02
CA GLU A 82 10.10 -26.63 40.22
C GLU A 82 10.79 -26.36 38.89
N ILE A 83 11.26 -25.12 38.74
CA ILE A 83 12.09 -24.75 37.62
C ILE A 83 13.51 -25.37 37.79
N ASP A 84 14.05 -25.94 36.73
CA ASP A 84 15.46 -26.31 36.65
C ASP A 84 16.30 -25.12 36.26
N ARG A 85 15.95 -24.48 35.16
CA ARG A 85 16.69 -23.34 34.67
C ARG A 85 15.85 -22.68 33.57
N THR A 86 16.05 -21.39 33.43
CA THR A 86 15.55 -20.59 32.39
C THR A 86 16.68 -20.11 31.53
N GLU A 87 16.51 -20.15 30.21
CA GLU A 87 17.47 -19.66 29.26
C GLU A 87 16.78 -18.93 28.11
N LEU A 88 17.52 -18.07 27.45
CA LEU A 88 17.05 -17.34 26.29
C LEU A 88 17.75 -17.92 25.02
N VAL A 89 16.94 -18.25 24.03
CA VAL A 89 17.42 -18.79 22.74
C VAL A 89 17.13 -17.74 21.69
N GLU A 90 18.16 -17.00 21.32
CA GLU A 90 17.99 -15.82 20.48
C GLU A 90 17.46 -16.07 19.07
N LEU A 91 17.89 -17.19 18.46
CA LEU A 91 17.66 -17.40 17.04
C LEU A 91 16.15 -17.52 16.76
N THR A 92 15.51 -18.41 17.53
CA THR A 92 14.09 -18.60 17.50
C THR A 92 13.31 -17.69 18.46
N GLU A 93 14.01 -16.73 19.06
CA GLU A 93 13.36 -15.68 19.84
C GLU A 93 12.50 -16.25 21.00
N TYR A 94 13.09 -17.14 21.77
CA TYR A 94 12.38 -17.84 22.82
C TYR A 94 12.96 -17.55 24.23
N LEU A 95 12.05 -17.46 25.17
CA LEU A 95 12.38 -17.76 26.57
C LEU A 95 11.96 -19.20 26.87
N VAL A 96 12.86 -19.97 27.45
CA VAL A 96 12.70 -21.37 27.66
C VAL A 96 12.83 -21.75 29.15
N VAL A 97 11.76 -22.26 29.72
CA VAL A 97 11.72 -22.69 31.09
C VAL A 97 11.72 -24.21 31.22
N HIS A 98 12.87 -24.75 31.58
CA HIS A 98 13.05 -26.14 31.84
C HIS A 98 12.58 -26.48 33.23
N LEU A 99 11.73 -27.48 33.34
CA LEU A 99 11.11 -27.90 34.58
C LEU A 99 11.65 -29.25 35.05
N LYS A 100 11.54 -29.48 36.32
CA LYS A 100 12.02 -30.74 36.95
C LYS A 100 10.97 -31.82 36.85
N GLY A 101 9.74 -31.48 36.51
CA GLY A 101 8.68 -32.46 36.23
C GLY A 101 7.75 -31.91 35.16
N SER A 102 6.68 -32.65 34.83
CA SER A 102 5.77 -32.25 33.80
C SER A 102 4.59 -31.49 34.33
N LEU A 103 4.15 -30.54 33.52
CA LEU A 103 2.80 -29.95 33.67
C LEU A 103 1.77 -31.01 33.30
N GLN A 104 0.53 -30.81 33.75
CA GLN A 104 -0.52 -31.80 33.63
C GLN A 104 -1.73 -31.31 32.85
N PRO A 105 -2.22 -32.12 31.87
CA PRO A 105 -3.35 -31.72 31.02
C PRO A 105 -4.54 -31.26 31.83
N GLY A 106 -5.17 -30.17 31.42
CA GLY A 106 -6.36 -29.66 32.09
C GLY A 106 -5.99 -28.66 33.19
N HIS A 107 -4.74 -28.68 33.61
CA HIS A 107 -4.31 -27.70 34.68
C HIS A 107 -3.92 -26.35 34.09
N MET A 108 -4.18 -25.29 34.86
CA MET A 108 -3.78 -23.94 34.51
C MET A 108 -2.59 -23.45 35.34
N TYR A 109 -1.76 -22.64 34.74
CA TYR A 109 -0.58 -22.09 35.40
C TYR A 109 -0.42 -20.59 35.14
N GLU A 110 0.27 -19.95 36.04
CA GLU A 110 0.58 -18.52 35.94
C GLU A 110 2.09 -18.30 35.99
N MET A 111 2.60 -17.60 35.01
CA MET A 111 4.00 -17.40 34.89
C MET A 111 4.27 -15.89 34.96
N GLU A 112 5.07 -15.50 35.92
CA GLU A 112 5.32 -14.06 36.17
C GLU A 112 6.74 -13.74 35.81
N SER A 113 6.92 -12.60 35.21
CA SER A 113 8.25 -12.13 34.92
C SER A 113 8.35 -10.59 35.11
N GLU A 114 9.60 -10.17 35.29
CA GLU A 114 9.99 -8.77 35.26
C GLU A 114 11.12 -8.55 34.33
N PHE A 115 11.06 -7.43 33.63
CA PHE A 115 11.91 -7.27 32.45
C PHE A 115 12.08 -5.84 32.02
N GLN A 116 13.07 -5.61 31.18
CA GLN A 116 13.23 -4.36 30.50
C GLN A 116 13.88 -4.51 29.16
N GLY A 117 13.63 -3.53 28.29
CA GLY A 117 14.28 -3.42 26.99
C GLY A 117 14.49 -1.99 26.61
N GLU A 118 15.20 -1.79 25.54
CA GLU A 118 15.44 -0.45 25.05
C GLU A 118 14.15 0.10 24.46
N LEU A 119 13.87 1.37 24.75
CA LEU A 119 12.82 2.04 24.06
C LEU A 119 13.43 2.75 22.84
N ALA A 120 13.76 1.97 21.81
CA ALA A 120 14.53 2.42 20.68
C ALA A 120 13.70 3.19 19.69
N ASP A 121 14.34 4.02 18.86
CA ASP A 121 13.57 4.62 17.76
C ASP A 121 13.65 3.75 16.49
N ASP A 122 13.05 2.58 16.53
CA ASP A 122 13.24 1.52 15.57
C ASP A 122 11.90 0.96 15.03
N LEU A 123 10.79 1.62 15.39
CA LEU A 123 9.46 1.25 14.95
C LEU A 123 9.03 -0.22 15.12
N ALA A 124 9.48 -0.83 16.21
CA ALA A 124 9.28 -2.23 16.49
C ALA A 124 9.08 -2.47 18.01
N GLY A 125 8.06 -3.24 18.36
CA GLY A 125 7.66 -3.51 19.71
C GLY A 125 7.18 -2.18 20.37
N PHE A 126 7.59 -2.00 21.61
CA PHE A 126 7.34 -0.77 22.35
C PHE A 126 8.53 0.10 22.04
N TYR A 127 8.30 1.23 21.38
CA TYR A 127 9.39 2.01 20.84
C TYR A 127 9.14 3.50 21.05
N ARG A 128 10.18 4.32 20.86
CA ARG A 128 10.02 5.77 20.99
C ARG A 128 9.93 6.45 19.61
N SER A 129 9.14 7.51 19.55
CA SER A 129 9.08 8.41 18.39
C SER A 129 9.34 9.86 18.82
N GLU A 130 10.36 10.48 18.23
CA GLU A 130 10.76 11.85 18.54
C GLU A 130 10.26 12.82 17.52
N TYR A 131 9.75 13.96 17.94
CA TYR A 131 9.29 14.97 16.98
C TYR A 131 9.40 16.38 17.58
N MET A 132 9.43 17.39 16.72
CA MET A 132 9.52 18.83 17.12
C MET A 132 8.17 19.53 17.32
N GLU A 133 8.04 20.21 18.44
CA GLU A 133 6.97 21.20 18.68
C GLU A 133 7.56 22.54 19.12
N GLY A 134 7.74 23.44 18.14
CA GLY A 134 8.40 24.73 18.39
C GLY A 134 9.88 24.50 18.66
N ASN A 135 10.34 25.00 19.81
CA ASN A 135 11.74 24.83 20.20
C ASN A 135 12.05 23.42 20.66
N VAL A 136 11.06 22.73 21.19
CA VAL A 136 11.32 21.51 21.98
C VAL A 136 11.25 20.23 21.14
N LYS A 137 12.17 19.32 21.42
CA LYS A 137 12.09 17.97 20.96
C LYS A 137 11.20 17.17 21.88
N LYS A 138 10.05 16.72 21.38
CA LYS A 138 9.14 15.85 22.11
C LYS A 138 9.46 14.39 21.79
N VAL A 139 9.19 13.53 22.75
CA VAL A 139 9.37 12.10 22.63
C VAL A 139 8.15 11.41 23.20
N LEU A 140 7.55 10.51 22.42
CA LEU A 140 6.44 9.68 22.89
C LEU A 140 6.77 8.20 22.78
N ALA A 141 5.97 7.37 23.42
CA ALA A 141 6.12 5.95 23.41
C ALA A 141 4.89 5.33 22.73
N THR A 142 5.14 4.43 21.78
CA THR A 142 4.09 3.82 21.03
C THR A 142 4.53 2.39 20.61
N THR A 143 3.65 1.69 19.89
CA THR A 143 3.84 0.30 19.60
C THR A 143 3.71 -0.01 18.10
N GLN A 144 4.40 -1.02 17.66
CA GLN A 144 4.12 -1.69 16.40
C GLN A 144 4.51 -3.18 16.59
N MET A 145 3.54 -4.04 16.85
CA MET A 145 3.72 -5.46 17.07
C MET A 145 3.81 -6.25 15.70
N GLN A 146 3.09 -5.76 14.70
CA GLN A 146 3.00 -6.40 13.39
C GLN A 146 4.41 -6.64 12.83
N SER A 147 4.81 -7.88 12.59
CA SER A 147 4.06 -9.12 12.78
C SER A 147 4.48 -9.89 14.03
N THR A 148 5.76 -9.89 14.28
CA THR A 148 6.34 -10.71 15.34
C THR A 148 7.14 -9.88 16.38
N ASP A 149 6.63 -8.69 16.69
CA ASP A 149 7.24 -7.80 17.64
C ASP A 149 6.51 -7.61 19.00
N ALA A 150 5.36 -8.27 19.23
CA ALA A 150 4.74 -8.27 20.54
C ALA A 150 5.76 -8.75 21.62
N ARG A 151 6.42 -9.86 21.28
CA ARG A 151 7.50 -10.46 22.01
C ARG A 151 8.70 -9.55 22.39
N LYS A 152 8.82 -8.43 21.68
CA LYS A 152 9.83 -7.43 21.97
C LYS A 152 9.39 -6.51 23.13
N SER A 153 8.11 -6.56 23.46
CA SER A 153 7.54 -5.73 24.53
C SER A 153 7.29 -6.41 25.86
N PHE A 154 7.00 -7.71 25.79
CA PHE A 154 6.74 -8.60 26.90
C PHE A 154 6.72 -10.06 26.43
N PRO A 155 7.09 -11.01 27.30
CA PRO A 155 7.12 -12.36 26.86
C PRO A 155 5.70 -12.89 26.60
N CYS A 156 5.50 -13.51 25.42
CA CYS A 156 4.17 -13.94 25.05
C CYS A 156 4.23 -15.09 24.00
N PHE A 157 3.13 -15.83 23.91
CA PHE A 157 2.96 -16.86 22.86
C PHE A 157 2.53 -16.14 21.59
N ASP A 158 3.54 -15.66 20.87
CA ASP A 158 3.37 -14.62 19.90
C ASP A 158 3.09 -15.22 18.47
N GLU A 159 1.99 -15.97 18.35
CA GLU A 159 1.45 -16.46 17.08
C GLU A 159 -0.01 -16.05 17.02
N PRO A 160 -0.48 -15.64 15.84
CA PRO A 160 -1.83 -15.10 15.69
C PRO A 160 -3.01 -15.96 16.17
N ALA A 161 -2.90 -17.29 16.10
CA ALA A 161 -4.03 -18.13 16.50
C ALA A 161 -4.15 -18.32 18.03
N MET A 162 -3.06 -18.01 18.74
CA MET A 162 -3.03 -18.21 20.22
C MET A 162 -3.50 -16.94 20.94
N LYS A 163 -4.78 -16.76 20.82
CA LYS A 163 -5.49 -15.59 21.23
C LYS A 163 -5.71 -15.71 22.76
N ALA A 164 -5.92 -14.57 23.39
CA ALA A 164 -6.13 -14.50 24.80
C ALA A 164 -6.69 -13.11 25.09
N THR A 165 -7.12 -12.90 26.31
CA THR A 165 -7.51 -11.57 26.79
C THR A 165 -6.28 -10.90 27.42
N PHE A 166 -6.26 -9.58 27.37
CA PHE A 166 -5.13 -8.79 27.82
C PHE A 166 -5.61 -7.67 28.77
N ASN A 167 -5.00 -7.61 29.95
CA ASN A 167 -5.20 -6.56 30.93
C ASN A 167 -3.97 -5.69 30.97
N ILE A 168 -4.09 -4.52 30.37
CA ILE A 168 -2.98 -3.64 30.16
C ILE A 168 -3.00 -2.51 31.18
N THR A 169 -1.86 -2.27 31.80
CA THR A 169 -1.62 -1.09 32.63
C THR A 169 -0.38 -0.35 32.09
N LEU A 170 -0.50 0.97 31.94
CA LEU A 170 0.64 1.83 31.66
C LEU A 170 0.97 2.65 32.92
N ILE A 171 2.24 2.71 33.24
CA ILE A 171 2.83 3.65 34.17
C ILE A 171 3.56 4.77 33.43
N HIS A 172 3.12 6.01 33.61
CA HIS A 172 3.56 7.09 32.78
C HIS A 172 3.68 8.43 33.51
N PRO A 173 4.41 9.39 32.93
CA PRO A 173 4.43 10.73 33.57
C PRO A 173 2.99 11.26 33.68
N ASN A 174 2.71 11.95 34.77
CA ASN A 174 1.35 12.17 35.16
C ASN A 174 0.67 13.26 34.34
N ASN A 175 1.44 13.99 33.56
CA ASN A 175 0.84 14.95 32.64
C ASN A 175 0.77 14.46 31.18
N LEU A 176 1.01 13.18 30.97
CA LEU A 176 0.85 12.56 29.67
C LEU A 176 -0.43 11.69 29.58
N THR A 177 -0.96 11.52 28.40
CA THR A 177 -2.13 10.66 28.19
C THR A 177 -1.71 9.23 27.80
N ALA A 178 -2.37 8.26 28.38
CA ALA A 178 -2.12 6.87 28.11
C ALA A 178 -3.29 6.24 27.34
N LEU A 179 -3.00 5.57 26.23
CA LEU A 179 -4.01 4.93 25.37
C LEU A 179 -3.67 3.46 25.10
N SER A 180 -4.71 2.63 25.03
CA SER A 180 -4.54 1.26 24.65
C SER A 180 -5.77 0.77 23.86
N ASN A 181 -5.79 -0.54 23.56
CA ASN A 181 -6.90 -1.12 22.79
C ASN A 181 -8.28 -0.78 23.34
N MET A 182 -8.42 -0.90 24.67
CA MET A 182 -9.64 -0.74 25.37
C MET A 182 -9.69 0.64 26.06
N PRO A 183 -10.87 1.08 26.52
CA PRO A 183 -10.91 2.32 27.35
C PRO A 183 -10.20 2.06 28.69
N PRO A 184 -9.73 3.14 29.32
CA PRO A 184 -9.27 3.07 30.72
C PRO A 184 -10.39 2.63 31.65
N LYS A 185 -10.05 1.88 32.70
CA LYS A 185 -11.03 1.52 33.78
C LYS A 185 -11.61 2.71 34.51
N GLY A 186 -10.76 3.68 34.76
CA GLY A 186 -11.21 4.91 35.42
C GLY A 186 -10.08 5.90 35.34
N SER A 187 -10.16 6.89 36.21
CA SER A 187 -9.10 7.86 36.42
C SER A 187 -7.79 7.18 36.74
N SER A 188 -6.72 7.75 36.21
CA SER A 188 -5.37 7.39 36.59
C SER A 188 -5.11 7.69 38.08
N THR A 189 -4.27 6.91 38.71
CA THR A 189 -3.92 7.11 40.08
C THR A 189 -2.41 7.24 40.16
N PRO A 190 -1.91 7.97 41.18
CA PRO A 190 -0.45 8.24 41.25
C PRO A 190 0.32 6.98 41.61
N LEU A 191 1.52 6.87 41.07
CA LEU A 191 2.39 5.77 41.46
C LEU A 191 2.93 6.03 42.88
N ALA A 192 2.69 5.10 43.80
CA ALA A 192 3.11 5.28 45.23
C ALA A 192 4.60 5.52 45.40
N GLU A 193 5.43 4.75 44.69
CA GLU A 193 6.87 4.98 44.73
C GLU A 193 7.33 6.34 44.23
N ASP A 194 6.57 6.95 43.32
CA ASP A 194 6.92 8.27 42.78
C ASP A 194 5.67 8.91 42.11
N PRO A 195 4.97 9.79 42.85
CA PRO A 195 3.74 10.44 42.38
C PRO A 195 3.88 11.32 41.15
N ASN A 196 5.11 11.56 40.70
CA ASN A 196 5.28 12.22 39.39
C ASN A 196 4.79 11.34 38.20
N TRP A 197 4.71 10.06 38.48
CA TRP A 197 4.12 9.08 37.57
C TRP A 197 2.70 8.77 37.95
N SER A 198 1.89 8.41 36.98
CA SER A 198 0.54 7.92 37.17
C SER A 198 0.40 6.46 36.60
N VAL A 199 -0.66 5.78 37.00
CA VAL A 199 -1.00 4.46 36.68
C VAL A 199 -2.37 4.42 35.99
N THR A 200 -2.36 4.06 34.71
CA THR A 200 -3.61 3.87 33.94
C THR A 200 -3.83 2.40 33.64
N GLU A 201 -4.91 1.87 34.19
CA GLU A 201 -5.36 0.51 33.91
C GLU A 201 -6.43 0.56 32.84
N PHE A 202 -6.42 -0.44 31.96
CA PHE A 202 -7.39 -0.51 30.86
C PHE A 202 -8.32 -1.72 31.06
N GLU A 203 -9.55 -1.60 30.56
CA GLU A 203 -10.46 -2.75 30.55
C GLU A 203 -9.84 -3.94 29.78
N THR A 204 -10.23 -5.13 30.21
CA THR A 204 -9.86 -6.36 29.55
C THR A 204 -10.24 -6.34 28.04
N THR A 205 -9.26 -6.66 27.19
CA THR A 205 -9.54 -6.83 25.75
C THR A 205 -10.48 -8.03 25.57
N PRO A 206 -11.15 -8.11 24.44
CA PRO A 206 -11.67 -9.43 24.04
C PRO A 206 -10.52 -10.42 23.76
N VAL A 207 -10.87 -11.69 23.57
CA VAL A 207 -9.92 -12.68 23.10
C VAL A 207 -9.36 -12.15 21.77
N MET A 208 -8.04 -12.07 21.65
CA MET A 208 -7.39 -11.39 20.54
C MET A 208 -5.96 -11.86 20.34
N SER A 209 -5.39 -11.53 19.20
CA SER A 209 -4.05 -11.88 18.84
C SER A 209 -3.06 -10.81 19.42
N THR A 210 -1.88 -11.27 19.80
CA THR A 210 -0.77 -10.41 20.20
C THR A 210 -0.35 -9.35 19.20
N TYR A 211 -0.35 -9.66 17.87
CA TYR A 211 0.10 -8.69 16.89
C TYR A 211 -0.81 -7.46 16.76
N LEU A 212 -1.97 -7.51 17.40
CA LEU A 212 -2.96 -6.41 17.34
C LEU A 212 -3.01 -5.52 18.62
N LEU A 213 -2.15 -5.84 19.58
CA LEU A 213 -2.03 -4.98 20.81
C LEU A 213 -1.38 -3.64 20.47
N ALA A 214 -1.80 -2.61 21.17
CA ALA A 214 -1.19 -1.29 21.08
C ALA A 214 -1.27 -0.55 22.46
N TYR A 215 -0.27 0.25 22.73
CA TYR A 215 -0.35 1.17 23.85
C TYR A 215 0.54 2.38 23.63
N ILE A 216 0.07 3.55 24.00
CA ILE A 216 0.72 4.75 23.61
C ILE A 216 0.70 5.74 24.76
N VAL A 217 1.86 6.37 24.99
CA VAL A 217 2.02 7.44 25.96
C VAL A 217 2.51 8.68 25.28
N SER A 218 1.72 9.75 25.38
CA SER A 218 2.02 10.99 24.66
C SER A 218 1.29 12.22 25.20
N GLU A 219 1.61 13.38 24.62
CA GLU A 219 0.90 14.66 24.89
C GLU A 219 -0.28 14.90 23.96
N PHE A 220 -0.68 13.88 23.20
CA PHE A 220 -1.65 14.10 22.13
C PHE A 220 -3.00 14.51 22.64
N GLN A 221 -3.71 15.25 21.82
CA GLN A 221 -5.10 15.61 22.08
C GLN A 221 -6.00 15.09 20.97
N SER A 222 -7.29 15.23 21.18
CA SER A 222 -8.25 14.55 20.33
C SER A 222 -9.45 15.39 19.94
N VAL A 223 -10.05 15.09 18.82
CA VAL A 223 -11.44 15.46 18.53
C VAL A 223 -12.31 14.20 18.64
N ASN A 224 -13.52 14.38 19.14
CA ASN A 224 -14.37 13.28 19.58
C ASN A 224 -15.74 13.34 18.92
N GLU A 225 -16.36 12.19 18.76
CA GLU A 225 -17.78 12.10 18.49
C GLU A 225 -18.33 10.83 19.15
N THR A 226 -19.60 10.86 19.51
CA THR A 226 -20.27 9.67 20.02
C THR A 226 -21.28 9.24 19.01
N ALA A 227 -21.02 8.16 18.28
CA ALA A 227 -22.04 7.49 17.47
C ALA A 227 -23.32 7.27 18.31
N GLN A 228 -24.45 7.11 17.61
CA GLN A 228 -25.77 6.99 18.29
C GLN A 228 -25.95 5.77 19.17
N ASN A 229 -25.20 4.72 18.87
CA ASN A 229 -25.12 3.52 19.74
C ASN A 229 -24.00 3.64 20.81
N GLY A 230 -23.53 4.86 21.07
CA GLY A 230 -22.69 5.12 22.24
C GLY A 230 -21.25 4.72 22.05
N VAL A 231 -20.90 4.22 20.86
CA VAL A 231 -19.50 4.02 20.49
C VAL A 231 -18.79 5.37 20.38
N LEU A 232 -17.74 5.54 21.18
CA LEU A 232 -16.98 6.75 21.20
C LEU A 232 -15.91 6.68 20.11
N ILE A 233 -15.85 7.72 19.30
CA ILE A 233 -14.87 7.83 18.21
C ILE A 233 -13.97 9.00 18.51
N ARG A 234 -12.70 8.92 18.38
CA ARG A 234 -11.73 9.99 18.63
C ARG A 234 -10.64 9.95 17.61
N ILE A 235 -10.20 10.98 17.13
CA ILE A 235 -9.02 11.13 16.35
C ILE A 235 -7.98 11.84 17.23
N TRP A 236 -6.83 11.22 17.40
CA TRP A 236 -5.73 11.74 18.20
C TRP A 236 -4.61 12.26 17.35
N ALA A 237 -4.04 13.39 17.75
CA ALA A 237 -2.90 13.94 17.03
C ALA A 237 -2.13 14.94 17.90
N ARG A 238 -1.02 15.44 17.37
CA ARG A 238 -0.28 16.51 18.03
C ARG A 238 -1.21 17.69 18.38
N PRO A 239 -1.03 18.24 19.58
CA PRO A 239 -1.79 19.42 19.97
C PRO A 239 -1.95 20.50 18.88
N ASN A 240 -0.88 20.85 18.19
CA ASN A 240 -0.98 21.90 17.17
C ASN A 240 -1.84 21.45 15.97
N ALA A 241 -1.64 20.22 15.51
CA ALA A 241 -2.47 19.63 14.45
C ALA A 241 -3.93 19.63 14.79
N ILE A 242 -4.29 19.21 16.00
CA ILE A 242 -5.69 19.22 16.43
C ILE A 242 -6.23 20.65 16.46
N ALA A 243 -5.43 21.58 17.01
CA ALA A 243 -5.88 22.98 17.10
C ALA A 243 -6.13 23.63 15.74
N GLU A 244 -5.43 23.17 14.70
CA GLU A 244 -5.60 23.67 13.31
C GLU A 244 -6.80 23.04 12.59
N GLY A 245 -7.37 21.98 13.16
CA GLY A 245 -8.55 21.36 12.57
C GLY A 245 -8.22 20.17 11.65
N HIS A 246 -6.96 19.77 11.64
CA HIS A 246 -6.51 18.77 10.66
C HIS A 246 -7.09 17.37 10.87
N GLY A 247 -7.73 17.17 12.00
CA GLY A 247 -8.35 15.94 12.39
C GLY A 247 -9.81 15.83 11.96
N MET A 248 -10.40 16.93 11.55
CA MET A 248 -11.82 16.94 11.23
C MET A 248 -12.28 16.00 10.12
N TYR A 249 -11.52 15.91 9.04
CA TYR A 249 -12.02 15.08 7.91
C TYR A 249 -12.11 13.61 8.37
N ALA A 250 -11.07 13.15 9.06
CA ALA A 250 -11.05 11.77 9.55
C ALA A 250 -12.20 11.47 10.50
N LEU A 251 -12.51 12.44 11.35
CA LEU A 251 -13.66 12.32 12.23
C LEU A 251 -14.97 12.28 11.46
N ASN A 252 -15.09 13.12 10.46
CA ASN A 252 -16.26 13.13 9.58
C ASN A 252 -16.58 11.77 8.96
N VAL A 253 -15.56 11.09 8.43
CA VAL A 253 -15.81 9.84 7.68
C VAL A 253 -15.85 8.58 8.54
N THR A 254 -15.28 8.67 9.75
CA THR A 254 -15.09 7.46 10.55
C THR A 254 -16.42 6.82 10.93
N GLY A 255 -17.35 7.66 11.36
CA GLY A 255 -18.67 7.20 11.80
C GLY A 255 -19.45 6.51 10.66
N PRO A 256 -19.58 7.18 9.51
CA PRO A 256 -20.18 6.53 8.40
C PRO A 256 -19.49 5.20 8.00
N ILE A 257 -18.15 5.16 8.05
CA ILE A 257 -17.43 3.94 7.67
C ILE A 257 -17.73 2.78 8.59
N LEU A 258 -17.68 3.03 9.89
CA LEU A 258 -18.01 2.01 10.87
C LEU A 258 -19.43 1.53 10.70
N ASN A 259 -20.34 2.47 10.47
CA ASN A 259 -21.75 2.07 10.19
C ASN A 259 -21.87 1.18 8.98
N PHE A 260 -21.25 1.60 7.89
CA PHE A 260 -21.24 0.78 6.66
C PHE A 260 -20.79 -0.66 6.98
N PHE A 261 -19.66 -0.81 7.65
CA PHE A 261 -19.09 -2.14 7.82
C PHE A 261 -19.93 -3.02 8.73
N ALA A 262 -20.50 -2.43 9.78
CA ALA A 262 -21.31 -3.23 10.72
C ALA A 262 -22.51 -3.83 9.94
N ASN A 263 -23.11 -3.00 9.09
CA ASN A 263 -24.17 -3.48 8.20
C ASN A 263 -23.62 -4.46 7.13
N HIS A 264 -22.52 -4.09 6.48
CA HIS A 264 -21.92 -4.90 5.41
C HIS A 264 -21.56 -6.28 5.90
N TYR A 265 -21.03 -6.34 7.11
CA TYR A 265 -20.59 -7.59 7.69
C TYR A 265 -21.72 -8.26 8.50
N ASN A 266 -22.89 -7.61 8.59
CA ASN A 266 -23.96 -8.11 9.41
C ASN A 266 -23.52 -8.40 10.89
N THR A 267 -22.61 -7.58 11.39
CA THR A 267 -21.92 -7.84 12.67
C THR A 267 -21.61 -6.52 13.37
N SER A 268 -22.09 -6.39 14.59
CA SER A 268 -21.83 -5.21 15.40
C SER A 268 -20.31 -5.00 15.57
N TYR A 269 -19.89 -3.73 15.48
CA TYR A 269 -18.54 -3.33 15.85
C TYR A 269 -18.29 -3.87 17.23
N PRO A 270 -17.23 -4.68 17.39
CA PRO A 270 -17.05 -5.51 18.56
C PRO A 270 -16.36 -4.82 19.77
N LEU A 271 -16.21 -3.52 19.77
CA LEU A 271 -15.49 -2.81 20.82
C LEU A 271 -16.28 -1.55 21.32
N PRO A 272 -15.93 -1.07 22.53
CA PRO A 272 -16.69 0.08 23.06
C PRO A 272 -16.26 1.41 22.47
N LYS A 273 -15.11 1.47 21.81
CA LYS A 273 -14.61 2.71 21.32
C LYS A 273 -13.69 2.47 20.12
N SER A 274 -13.51 3.50 19.32
CA SER A 274 -12.54 3.55 18.25
C SER A 274 -11.60 4.77 18.41
N ASP A 275 -10.32 4.50 18.62
CA ASP A 275 -9.31 5.52 18.55
C ASP A 275 -8.52 5.37 17.25
N GLN A 276 -8.19 6.49 16.63
CA GLN A 276 -7.25 6.55 15.54
C GLN A 276 -6.22 7.61 15.81
N ILE A 277 -4.97 7.31 15.56
CA ILE A 277 -3.95 8.25 15.94
C ILE A 277 -2.94 8.54 14.84
N ALA A 278 -2.73 9.82 14.59
CA ALA A 278 -1.75 10.33 13.63
C ALA A 278 -0.38 10.48 14.28
N LEU A 279 0.57 9.68 13.82
CA LEU A 279 1.96 9.72 14.30
C LEU A 279 2.90 10.34 13.27
N PRO A 280 3.75 11.28 13.71
CA PRO A 280 4.76 11.82 12.84
C PRO A 280 5.77 10.77 12.37
N ASP A 281 5.96 10.64 11.09
CA ASP A 281 6.96 9.69 10.49
C ASP A 281 6.75 8.23 10.80
N PHE A 282 5.52 7.81 10.95
CA PHE A 282 5.23 6.38 11.06
C PHE A 282 5.44 5.68 9.74
N ASN A 283 6.62 5.19 9.51
CA ASN A 283 7.05 4.60 8.20
C ASN A 283 6.29 3.34 7.75
N ALA A 284 5.61 2.72 8.69
CA ALA A 284 4.78 1.60 8.38
C ALA A 284 3.41 1.98 7.75
N GLY A 285 3.13 3.31 7.70
CA GLY A 285 1.94 3.83 7.03
C GLY A 285 0.64 3.81 7.84
N ALA A 286 0.14 2.59 8.14
CA ALA A 286 -1.02 2.41 9.04
C ALA A 286 -1.07 1.00 9.62
N MET A 287 -1.59 0.85 10.83
CA MET A 287 -1.67 -0.43 11.48
C MET A 287 -2.97 -0.64 12.24
N GLU A 288 -3.62 -1.78 11.99
CA GLU A 288 -4.99 -1.97 12.36
C GLU A 288 -5.23 -2.42 13.84
N ASN A 289 -4.35 -2.00 14.76
CA ASN A 289 -4.46 -2.47 16.12
C ASN A 289 -5.90 -2.30 16.63
N TRP A 290 -6.44 -3.34 17.27
CA TRP A 290 -7.84 -3.41 17.55
C TRP A 290 -8.26 -2.34 18.59
N GLY A 291 -8.96 -1.30 18.12
CA GLY A 291 -9.49 -0.24 18.94
C GLY A 291 -8.56 0.97 19.09
N LEU A 292 -7.34 0.83 18.53
CA LEU A 292 -6.35 1.87 18.52
C LEU A 292 -5.48 1.79 17.24
N VAL A 293 -6.04 2.31 16.15
CA VAL A 293 -5.39 2.26 14.87
C VAL A 293 -4.39 3.40 14.74
N THR A 294 -3.16 3.05 14.35
CA THR A 294 -2.10 4.01 14.13
C THR A 294 -1.91 4.33 12.62
N TYR A 295 -1.67 5.60 12.33
CA TYR A 295 -1.42 6.10 11.00
C TYR A 295 -0.23 7.04 11.01
N ARG A 296 0.48 7.12 9.88
CA ARG A 296 1.34 8.28 9.65
C ARG A 296 0.47 9.49 9.41
N GLU A 297 1.01 10.65 9.73
CA GLU A 297 0.21 11.85 9.85
C GLU A 297 -0.50 12.25 8.60
N ASN A 298 0.21 12.13 7.50
CA ASN A 298 -0.36 12.49 6.20
C ASN A 298 -1.32 11.45 5.69
N ALA A 299 -1.50 10.36 6.42
CA ALA A 299 -2.50 9.38 6.09
C ALA A 299 -3.81 9.58 6.81
N LEU A 300 -3.80 10.41 7.86
CA LEU A 300 -4.98 10.60 8.69
C LEU A 300 -5.43 12.04 8.73
N LEU A 301 -4.47 12.95 8.76
CA LEU A 301 -4.75 14.36 8.83
C LEU A 301 -4.98 14.93 7.44
N PHE A 302 -5.77 16.01 7.40
CA PHE A 302 -6.06 16.67 6.16
C PHE A 302 -6.17 18.14 6.42
N ASP A 303 -5.42 18.97 5.69
CA ASP A 303 -5.53 20.43 5.78
C ASP A 303 -6.22 20.96 4.51
N PRO A 304 -7.46 21.45 4.66
CA PRO A 304 -8.23 21.97 3.50
C PRO A 304 -7.56 23.14 2.79
N GLN A 305 -6.66 23.84 3.45
CA GLN A 305 -6.01 25.01 2.87
C GLN A 305 -4.84 24.66 1.95
N SER A 306 -4.24 23.50 2.18
CA SER A 306 -3.07 23.11 1.42
C SER A 306 -3.19 21.76 0.71
N SER A 307 -4.06 20.89 1.22
CA SER A 307 -4.17 19.52 0.73
C SER A 307 -5.01 19.40 -0.54
N SER A 308 -4.63 18.50 -1.45
CA SER A 308 -5.34 18.30 -2.69
C SER A 308 -6.42 17.23 -2.51
N ILE A 309 -7.26 17.08 -3.54
CA ILE A 309 -8.28 16.05 -3.59
C ILE A 309 -7.68 14.63 -3.48
N SER A 310 -6.54 14.37 -4.11
CA SER A 310 -5.93 13.06 -3.98
C SER A 310 -5.48 12.79 -2.54
N ASN A 311 -5.07 13.84 -1.80
CA ASN A 311 -4.85 13.72 -0.36
C ASN A 311 -6.14 13.30 0.36
N LYS A 312 -7.25 13.92 -0.01
CA LYS A 312 -8.52 13.58 0.60
C LYS A 312 -8.88 12.12 0.35
N GLU A 313 -8.64 11.67 -0.87
CA GLU A 313 -8.95 10.28 -1.24
C GLU A 313 -8.08 9.31 -0.46
N ARG A 314 -6.81 9.66 -0.29
CA ARG A 314 -5.92 8.77 0.46
C ARG A 314 -6.42 8.58 1.92
N VAL A 315 -6.91 9.64 2.54
CA VAL A 315 -7.37 9.56 3.93
C VAL A 315 -8.58 8.68 4.06
N VAL A 316 -9.63 8.96 3.28
CA VAL A 316 -10.82 8.16 3.41
C VAL A 316 -10.61 6.68 3.10
N THR A 317 -9.76 6.37 2.13
CA THR A 317 -9.52 4.95 1.82
C THR A 317 -8.60 4.24 2.82
N VAL A 318 -7.58 4.92 3.32
CA VAL A 318 -6.71 4.29 4.34
C VAL A 318 -7.52 4.00 5.62
N ILE A 319 -8.37 4.96 6.03
CA ILE A 319 -9.29 4.73 7.14
C ILE A 319 -10.23 3.56 6.87
N ALA A 320 -10.88 3.54 5.70
CA ALA A 320 -11.74 2.40 5.40
C ALA A 320 -10.96 1.09 5.46
N HIS A 321 -9.73 1.11 4.96
CA HIS A 321 -8.89 -0.07 4.99
C HIS A 321 -8.70 -0.58 6.44
N GLU A 322 -8.15 0.27 7.28
CA GLU A 322 -7.84 -0.13 8.65
C GLU A 322 -9.09 -0.56 9.40
N LEU A 323 -10.18 0.18 9.19
CA LEU A 323 -11.42 -0.11 9.90
C LEU A 323 -12.08 -1.44 9.45
N ALA A 324 -11.86 -1.78 8.19
CA ALA A 324 -12.35 -3.08 7.67
C ALA A 324 -11.79 -4.19 8.53
N HIS A 325 -10.48 -4.07 8.82
CA HIS A 325 -9.80 -5.09 9.59
C HIS A 325 -10.43 -5.34 11.00
N GLN A 326 -11.19 -4.37 11.52
CA GLN A 326 -11.69 -4.46 12.88
C GLN A 326 -12.68 -5.61 13.02
N TRP A 327 -13.24 -6.04 11.89
CA TRP A 327 -13.95 -7.31 11.81
C TRP A 327 -13.06 -8.35 11.11
N PHE A 328 -12.67 -8.08 9.86
CA PHE A 328 -11.99 -9.09 9.03
C PHE A 328 -10.50 -8.96 9.24
N GLY A 329 -9.92 -9.92 9.95
CA GLY A 329 -8.57 -9.83 10.46
C GLY A 329 -8.46 -9.83 11.99
N ASN A 330 -9.24 -9.00 12.66
CA ASN A 330 -9.11 -8.81 14.12
C ASN A 330 -10.13 -9.65 14.88
N LEU A 331 -11.43 -9.56 14.52
CA LEU A 331 -12.43 -10.43 15.08
C LEU A 331 -12.26 -11.87 14.63
N VAL A 332 -12.03 -12.06 13.33
CA VAL A 332 -11.70 -13.38 12.80
C VAL A 332 -10.33 -13.26 12.15
N THR A 333 -9.41 -14.05 12.65
CA THR A 333 -8.00 -13.90 12.35
C THR A 333 -7.51 -15.16 11.59
N LEU A 334 -6.76 -14.94 10.52
CA LEU A 334 -6.14 -16.03 9.80
C LEU A 334 -5.09 -16.72 10.71
N ALA A 335 -5.14 -18.04 10.73
CA ALA A 335 -4.35 -18.86 11.61
C ALA A 335 -2.86 -18.70 11.47
N TRP A 336 -2.39 -18.35 10.28
CA TRP A 336 -1.01 -18.23 10.02
C TRP A 336 -0.69 -17.27 8.87
N TRP A 337 0.52 -16.72 8.91
CA TRP A 337 0.94 -15.67 8.03
C TRP A 337 0.98 -16.06 6.50
N ASN A 338 1.03 -17.35 6.21
CA ASN A 338 0.92 -17.83 4.79
C ASN A 338 -0.44 -17.43 4.16
N ASP A 339 -1.45 -17.22 4.97
CA ASP A 339 -2.74 -16.72 4.52
C ASP A 339 -2.92 -15.21 4.66
N LEU A 340 -1.83 -14.47 4.88
CA LEU A 340 -1.88 -13.02 4.93
C LEU A 340 -2.66 -12.38 3.77
N TRP A 341 -2.47 -12.91 2.54
CA TRP A 341 -3.12 -12.34 1.35
C TRP A 341 -4.61 -12.19 1.50
N LEU A 342 -5.24 -13.16 2.16
CA LEU A 342 -6.66 -13.12 2.35
C LEU A 342 -7.05 -11.89 3.19
N ASN A 343 -6.36 -11.75 4.33
CA ASN A 343 -6.57 -10.60 5.20
C ASN A 343 -6.33 -9.27 4.56
N GLU A 344 -5.15 -9.08 3.98
CA GLU A 344 -4.79 -7.78 3.38
C GLU A 344 -5.52 -7.58 2.05
N GLY A 345 -5.76 -8.67 1.36
CA GLY A 345 -6.48 -8.61 0.07
C GLY A 345 -7.92 -8.18 0.29
N PHE A 346 -8.58 -8.83 1.24
CA PHE A 346 -9.90 -8.43 1.64
C PHE A 346 -10.00 -6.95 1.99
N ALA A 347 -9.16 -6.49 2.90
CA ALA A 347 -9.18 -5.05 3.29
C ALA A 347 -8.87 -4.12 2.13
N SER A 348 -7.87 -4.49 1.33
CA SER A 348 -7.52 -3.71 0.13
C SER A 348 -8.67 -3.61 -0.89
N TYR A 349 -9.58 -4.57 -0.86
CA TYR A 349 -10.79 -4.50 -1.69
C TYR A 349 -11.85 -3.68 -1.01
N VAL A 350 -12.28 -4.05 0.20
CA VAL A 350 -13.46 -3.37 0.82
C VAL A 350 -13.21 -1.95 1.31
N GLU A 351 -11.93 -1.54 1.36
CA GLU A 351 -11.57 -0.14 1.58
C GLU A 351 -12.34 0.76 0.60
N TYR A 352 -12.44 0.34 -0.66
CA TYR A 352 -13.23 1.11 -1.61
C TYR A 352 -14.74 1.12 -1.30
N LEU A 353 -15.28 -0.02 -0.88
CA LEU A 353 -16.68 -0.07 -0.48
C LEU A 353 -16.96 0.88 0.71
N GLY A 354 -16.13 0.81 1.76
CA GLY A 354 -16.33 1.67 2.92
C GLY A 354 -16.17 3.15 2.63
N ALA A 355 -15.12 3.49 1.89
CA ALA A 355 -14.93 4.85 1.49
C ALA A 355 -16.06 5.35 0.58
N ASP A 356 -16.57 4.47 -0.25
CA ASP A 356 -17.67 4.90 -1.17
C ASP A 356 -18.87 5.26 -0.36
N HIS A 357 -19.07 4.57 0.75
CA HIS A 357 -20.17 4.96 1.64
C HIS A 357 -19.99 6.35 2.26
N ALA A 358 -18.79 6.67 2.64
CA ALA A 358 -18.46 7.98 3.18
C ALA A 358 -18.50 9.10 2.13
N GLU A 359 -18.10 8.77 0.91
CA GLU A 359 -18.05 9.72 -0.19
C GLU A 359 -18.77 9.15 -1.44
N PRO A 360 -20.10 9.03 -1.37
CA PRO A 360 -20.87 8.34 -2.38
C PRO A 360 -21.02 9.04 -3.74
N THR A 361 -20.61 10.29 -3.86
CA THR A 361 -20.63 10.96 -5.16
C THR A 361 -19.31 10.79 -5.87
N TRP A 362 -18.31 10.15 -5.25
CA TRP A 362 -16.97 10.11 -5.85
C TRP A 362 -16.66 8.94 -6.77
N ASN A 363 -17.54 7.97 -6.86
CA ASN A 363 -17.24 6.80 -7.69
C ASN A 363 -15.94 6.06 -7.34
N LEU A 364 -15.61 6.03 -6.07
CA LEU A 364 -14.34 5.47 -5.62
C LEU A 364 -14.12 4.02 -5.99
N LYS A 365 -15.20 3.25 -6.10
CA LYS A 365 -15.05 1.81 -6.44
C LYS A 365 -14.28 1.59 -7.74
N ASP A 366 -14.39 2.52 -8.64
CA ASP A 366 -13.66 2.46 -9.93
C ASP A 366 -12.14 2.40 -9.76
N LEU A 367 -11.64 3.04 -8.69
CA LEU A 367 -10.19 3.25 -8.55
C LEU A 367 -9.42 2.01 -8.25
N ILE A 368 -10.07 0.94 -7.82
CA ILE A 368 -9.39 -0.35 -7.68
C ILE A 368 -8.72 -0.82 -9.01
N VAL A 369 -9.27 -0.40 -10.14
CA VAL A 369 -8.79 -0.92 -11.39
C VAL A 369 -7.41 -0.36 -11.73
N PRO A 370 -7.30 0.97 -11.88
CA PRO A 370 -5.94 1.52 -12.00
C PRO A 370 -5.13 1.24 -10.75
N GLY A 371 -5.76 1.35 -9.58
CA GLY A 371 -5.03 1.38 -8.28
C GLY A 371 -4.41 0.07 -7.84
N ASP A 372 -5.10 -1.05 -8.08
CA ASP A 372 -4.62 -2.35 -7.71
C ASP A 372 -4.46 -3.38 -8.89
N VAL A 373 -5.49 -3.47 -9.74
CA VAL A 373 -5.56 -4.49 -10.81
C VAL A 373 -4.41 -4.38 -11.78
N TYR A 374 -4.34 -3.26 -12.44
CA TYR A 374 -3.28 -3.08 -13.42
C TYR A 374 -1.91 -2.95 -12.76
N ARG A 375 -1.89 -2.40 -11.58
CA ARG A 375 -0.67 -2.26 -10.83
C ARG A 375 -0.05 -3.61 -10.55
N VAL A 376 -0.81 -4.55 -10.02
CA VAL A 376 -0.21 -5.83 -9.76
C VAL A 376 -0.03 -6.74 -11.02
N MET A 377 -0.78 -6.48 -12.09
CA MET A 377 -0.66 -7.28 -13.31
C MET A 377 0.74 -7.06 -13.88
N ALA A 378 1.24 -5.85 -13.76
CA ALA A 378 2.60 -5.55 -14.16
C ALA A 378 3.67 -6.51 -13.58
N VAL A 379 3.49 -6.91 -12.34
CA VAL A 379 4.46 -7.84 -11.70
C VAL A 379 4.03 -9.30 -11.74
N ASP A 380 2.72 -9.52 -11.89
CA ASP A 380 2.18 -10.87 -11.99
C ASP A 380 2.28 -11.48 -13.42
N ALA A 381 2.61 -10.64 -14.40
CA ALA A 381 2.88 -11.04 -15.76
C ALA A 381 4.40 -11.23 -15.99
N LEU A 382 5.07 -11.69 -14.93
CA LEU A 382 6.50 -11.97 -14.98
C LEU A 382 6.72 -13.41 -14.58
N ALA A 383 7.79 -14.02 -15.11
CA ALA A 383 8.15 -15.38 -14.73
C ALA A 383 8.52 -15.49 -13.24
N SER A 384 8.92 -14.39 -12.66
CA SER A 384 9.47 -14.36 -11.30
C SER A 384 8.41 -14.11 -10.23
N SER A 385 7.13 -14.05 -10.64
CA SER A 385 6.03 -13.89 -9.69
C SER A 385 5.82 -15.10 -8.81
N HIS A 386 4.75 -15.10 -8.02
CA HIS A 386 4.43 -16.21 -7.16
C HIS A 386 2.95 -16.31 -6.88
N PRO A 387 2.45 -17.52 -6.51
CA PRO A 387 1.04 -17.71 -6.13
C PRO A 387 0.63 -16.91 -4.87
N LEU A 388 -0.65 -16.56 -4.80
CA LEU A 388 -1.22 -16.04 -3.59
C LEU A 388 -0.94 -16.94 -2.38
N THR A 389 -1.18 -18.23 -2.55
CA THR A 389 -1.00 -19.17 -1.48
C THR A 389 0.43 -19.68 -1.40
N THR A 390 0.85 -19.95 -0.20
CA THR A 390 2.14 -20.51 0.13
C THR A 390 1.83 -21.58 1.16
N PRO A 391 2.48 -22.75 1.05
CA PRO A 391 2.25 -23.74 2.09
C PRO A 391 2.67 -23.16 3.49
N ALA A 392 1.89 -23.48 4.50
CA ALA A 392 2.12 -22.95 5.87
C ALA A 392 3.54 -23.34 6.37
N GLU A 393 3.94 -24.57 6.04
CA GLU A 393 5.17 -25.12 6.50
C GLU A 393 6.38 -24.52 5.82
N GLU A 394 6.18 -23.61 4.87
CA GLU A 394 7.30 -22.89 4.24
C GLU A 394 7.49 -21.49 4.85
N VAL A 395 6.58 -21.08 5.73
CA VAL A 395 6.62 -19.72 6.30
C VAL A 395 6.85 -19.87 7.79
N ASN A 396 8.11 -19.71 8.21
CA ASN A 396 8.57 -20.07 9.56
C ASN A 396 9.27 -18.92 10.25
N THR A 397 10.21 -18.27 9.59
CA THR A 397 11.04 -17.27 10.22
C THR A 397 10.35 -15.90 10.22
N PRO A 398 10.85 -14.96 11.05
CA PRO A 398 10.30 -13.60 10.96
C PRO A 398 10.57 -12.93 9.60
N ALA A 399 11.75 -13.18 9.01
CA ALA A 399 12.02 -12.72 7.64
C ALA A 399 10.99 -13.31 6.63
N GLN A 400 10.81 -14.62 6.66
CA GLN A 400 9.79 -15.28 5.77
C GLN A 400 8.37 -14.71 5.92
N ILE A 401 7.99 -14.45 7.17
CA ILE A 401 6.71 -13.85 7.45
C ILE A 401 6.62 -12.46 6.81
N SER A 402 7.66 -11.67 6.97
CA SER A 402 7.76 -10.34 6.32
C SER A 402 7.57 -10.33 4.79
N GLU A 403 8.07 -11.37 4.16
CA GLU A 403 8.03 -11.46 2.71
C GLU A 403 6.60 -11.65 2.24
N MET A 404 5.68 -12.00 3.15
CA MET A 404 4.27 -12.10 2.81
C MET A 404 3.63 -10.75 2.51
N PHE A 405 4.26 -9.68 2.97
CA PHE A 405 3.63 -8.35 2.82
C PHE A 405 4.12 -7.70 1.55
N ASP A 406 3.53 -8.09 0.44
CA ASP A 406 3.92 -7.54 -0.87
C ASP A 406 2.70 -7.29 -1.76
N SER A 407 3.02 -6.84 -2.97
CA SER A 407 2.07 -6.39 -3.98
C SER A 407 1.05 -7.45 -4.32
N ILE A 408 1.53 -8.67 -4.47
CA ILE A 408 0.70 -9.82 -4.78
C ILE A 408 -0.35 -9.99 -3.70
N SER A 409 0.09 -10.08 -2.44
CA SER A 409 -0.80 -10.30 -1.31
C SER A 409 -1.89 -9.26 -1.21
N TYR A 410 -1.51 -8.00 -1.29
CA TYR A 410 -2.47 -6.90 -1.18
C TYR A 410 -3.30 -6.68 -2.45
N SER A 411 -2.61 -6.34 -3.54
CA SER A 411 -3.29 -5.91 -4.80
C SER A 411 -3.94 -7.05 -5.61
N LYS A 412 -3.28 -8.19 -5.74
CA LYS A 412 -3.90 -9.34 -6.38
C LYS A 412 -4.94 -10.01 -5.49
N GLY A 413 -4.59 -10.16 -4.20
CA GLY A 413 -5.61 -10.53 -3.23
C GLY A 413 -6.89 -9.71 -3.35
N ALA A 414 -6.71 -8.40 -3.42
CA ALA A 414 -7.86 -7.50 -3.61
C ALA A 414 -8.59 -7.80 -4.98
N SER A 415 -7.81 -8.01 -5.99
CA SER A 415 -8.36 -8.21 -7.36
C SER A 415 -9.17 -9.51 -7.45
N VAL A 416 -8.63 -10.59 -6.93
CA VAL A 416 -9.30 -11.87 -7.00
C VAL A 416 -10.50 -11.98 -6.09
N ILE A 417 -10.42 -11.33 -4.94
CA ILE A 417 -11.61 -11.26 -4.11
C ILE A 417 -12.72 -10.41 -4.75
N ARG A 418 -12.34 -9.29 -5.33
CA ARG A 418 -13.34 -8.50 -6.03
C ARG A 418 -14.00 -9.35 -7.18
N MET A 419 -13.19 -10.12 -7.89
CA MET A 419 -13.69 -10.99 -8.93
C MET A 419 -14.75 -11.95 -8.38
N LEU A 420 -14.40 -12.54 -7.23
CA LEU A 420 -15.20 -13.51 -6.54
C LEU A 420 -16.56 -12.96 -6.11
N SER A 421 -16.53 -11.80 -5.47
CA SER A 421 -17.75 -11.13 -5.10
C SER A 421 -18.66 -10.84 -6.33
N ASN A 422 -18.03 -10.47 -7.43
CA ASN A 422 -18.75 -10.14 -8.66
C ASN A 422 -19.44 -11.34 -9.36
N PHE A 423 -18.76 -12.48 -9.43
CA PHE A 423 -19.36 -13.69 -10.00
C PHE A 423 -20.39 -14.37 -9.08
N LEU A 424 -20.23 -14.18 -7.77
CA LEU A 424 -21.26 -14.61 -6.83
C LEU A 424 -22.46 -13.64 -6.71
N THR A 425 -22.26 -12.44 -7.15
CA THR A 425 -23.06 -11.29 -6.75
C THR A 425 -22.80 -10.87 -5.29
N GLU A 426 -22.85 -9.58 -5.04
CA GLU A 426 -22.43 -9.02 -3.79
C GLU A 426 -23.33 -9.50 -2.67
N ASP A 427 -24.64 -9.58 -2.92
CA ASP A 427 -25.59 -10.07 -1.94
C ASP A 427 -25.25 -11.47 -1.45
N LEU A 428 -24.82 -12.31 -2.38
CA LEU A 428 -24.51 -13.69 -2.03
C LEU A 428 -23.17 -13.77 -1.30
N PHE A 429 -22.21 -12.98 -1.78
CA PHE A 429 -20.90 -12.85 -1.16
C PHE A 429 -21.07 -12.40 0.33
N LYS A 430 -21.91 -11.41 0.55
CA LYS A 430 -22.19 -10.88 1.88
C LYS A 430 -22.79 -11.90 2.81
N GLU A 431 -23.72 -12.70 2.31
CA GLU A 431 -24.32 -13.74 3.13
C GLU A 431 -23.24 -14.72 3.61
N GLY A 432 -22.39 -15.15 2.70
CA GLY A 432 -21.39 -16.13 3.04
C GLY A 432 -20.35 -15.51 4.01
N LEU A 433 -20.07 -14.24 3.79
CA LEU A 433 -19.11 -13.50 4.61
C LEU A 433 -19.64 -13.29 6.07
N ALA A 434 -20.91 -13.04 6.22
CA ALA A 434 -21.54 -12.96 7.56
C ALA A 434 -21.55 -14.29 8.26
N SER A 435 -21.93 -15.34 7.50
CA SER A 435 -21.86 -16.69 8.01
C SER A 435 -20.43 -17.06 8.56
N TYR A 436 -19.41 -16.75 7.78
CA TYR A 436 -18.03 -16.94 8.16
C TYR A 436 -17.66 -16.11 9.43
N LEU A 437 -18.01 -14.85 9.47
CA LEU A 437 -17.70 -14.02 10.64
C LEU A 437 -18.41 -14.54 11.90
N HIS A 438 -19.70 -14.85 11.79
CA HIS A 438 -20.39 -15.38 12.95
C HIS A 438 -19.84 -16.73 13.43
N ALA A 439 -19.50 -17.64 12.52
CA ALA A 439 -19.02 -18.94 12.93
C ALA A 439 -17.67 -18.90 13.61
N PHE A 440 -16.82 -17.95 13.22
CA PHE A 440 -15.42 -17.95 13.64
C PHE A 440 -15.00 -16.74 14.56
N ALA A 441 -15.95 -15.90 14.95
CA ALA A 441 -15.68 -14.75 15.81
C ALA A 441 -14.77 -15.14 17.02
N TYR A 442 -13.70 -14.37 17.22
CA TYR A 442 -12.77 -14.57 18.34
C TYR A 442 -11.91 -15.83 18.14
N GLN A 443 -11.88 -16.38 16.92
CA GLN A 443 -11.08 -17.58 16.66
C GLN A 443 -10.20 -17.34 15.40
N ASN A 444 -9.76 -18.43 14.76
CA ASN A 444 -8.80 -18.34 13.68
C ASN A 444 -9.30 -19.23 12.52
N THR A 445 -8.86 -18.92 11.32
CA THR A 445 -9.29 -19.57 10.10
C THR A 445 -8.17 -19.79 9.07
N THR A 446 -8.46 -20.57 8.05
CA THR A 446 -7.74 -20.54 6.77
C THR A 446 -8.72 -20.06 5.69
N TYR A 447 -8.17 -19.71 4.54
CA TYR A 447 -8.96 -19.32 3.40
C TYR A 447 -9.97 -20.41 3.00
N LEU A 448 -9.66 -21.66 3.25
CA LEU A 448 -10.61 -22.75 3.01
C LEU A 448 -11.91 -22.56 3.77
N ASP A 449 -11.86 -21.96 4.96
CA ASP A 449 -13.04 -21.68 5.73
C ASP A 449 -13.97 -20.65 5.11
N LEU A 450 -13.39 -19.59 4.57
CA LEU A 450 -14.17 -18.64 3.83
C LEU A 450 -14.85 -19.32 2.55
N TRP A 451 -14.07 -20.04 1.78
CA TRP A 451 -14.62 -20.76 0.60
C TRP A 451 -15.82 -21.62 1.00
N GLU A 452 -15.69 -22.31 2.11
CA GLU A 452 -16.75 -23.15 2.65
C GLU A 452 -18.05 -22.42 2.95
N HIS A 453 -17.94 -21.28 3.58
CA HIS A 453 -19.09 -20.49 3.95
C HIS A 453 -19.76 -19.79 2.75
N LEU A 454 -18.92 -19.39 1.78
CA LEU A 454 -19.40 -18.96 0.46
C LEU A 454 -20.15 -20.12 -0.32
N GLN A 455 -19.60 -21.32 -0.26
CA GLN A 455 -20.24 -22.48 -0.85
C GLN A 455 -21.61 -22.72 -0.25
N LYS A 456 -21.68 -22.62 1.06
CA LYS A 456 -22.94 -22.75 1.78
C LYS A 456 -23.98 -21.80 1.27
N ALA A 457 -23.58 -20.53 1.13
CA ALA A 457 -24.49 -19.51 0.59
C ALA A 457 -24.90 -19.85 -0.90
N VAL A 458 -23.94 -20.21 -1.72
CA VAL A 458 -24.23 -20.67 -3.07
C VAL A 458 -25.22 -21.88 -3.05
N ASP A 459 -24.99 -22.85 -2.19
CA ASP A 459 -25.81 -24.03 -2.10
C ASP A 459 -27.22 -23.74 -1.64
N ALA A 460 -27.36 -22.65 -0.85
CA ALA A 460 -28.65 -22.27 -0.31
C ALA A 460 -29.56 -21.46 -1.27
N GLN A 461 -29.14 -21.30 -2.52
CA GLN A 461 -29.93 -20.56 -3.49
C GLN A 461 -29.87 -21.19 -4.93
N THR A 462 -30.72 -20.70 -5.83
CA THR A 462 -30.96 -21.40 -7.09
C THR A 462 -30.69 -20.57 -8.31
N SER A 463 -30.23 -19.37 -8.09
CA SER A 463 -30.24 -18.36 -9.13
C SER A 463 -28.83 -18.17 -9.72
N ILE A 464 -27.81 -18.15 -8.87
CA ILE A 464 -26.45 -18.13 -9.33
C ILE A 464 -25.94 -19.56 -9.45
N ARG A 465 -25.49 -19.91 -10.65
CA ARG A 465 -24.96 -21.26 -10.96
C ARG A 465 -23.51 -21.10 -11.39
N LEU A 466 -22.67 -21.95 -10.84
CA LEU A 466 -21.26 -21.89 -11.15
C LEU A 466 -20.88 -23.16 -11.85
N PRO A 467 -19.78 -23.12 -12.61
CA PRO A 467 -19.31 -24.30 -13.34
C PRO A 467 -18.60 -25.31 -12.45
N ASP A 468 -18.20 -24.89 -11.24
CA ASP A 468 -17.63 -25.82 -10.29
C ASP A 468 -17.85 -25.24 -8.90
N THR A 469 -17.24 -25.87 -7.90
CA THR A 469 -17.34 -25.38 -6.54
C THR A 469 -16.50 -24.07 -6.39
N VAL A 470 -16.88 -23.26 -5.43
CA VAL A 470 -16.13 -22.02 -5.11
C VAL A 470 -14.62 -22.32 -4.92
N ARG A 471 -14.35 -23.39 -4.25
CA ARG A 471 -12.97 -23.81 -4.00
C ARG A 471 -12.21 -24.18 -5.29
N ALA A 472 -12.83 -24.99 -6.16
CA ALA A 472 -12.12 -25.41 -7.39
C ALA A 472 -11.83 -24.23 -8.29
N ILE A 473 -12.77 -23.27 -8.29
CA ILE A 473 -12.59 -22.09 -9.07
C ILE A 473 -11.43 -21.23 -8.53
N MET A 474 -11.50 -20.95 -7.21
CA MET A 474 -10.52 -20.06 -6.60
C MET A 474 -9.14 -20.70 -6.48
N ASP A 475 -9.09 -22.03 -6.42
CA ASP A 475 -7.83 -22.75 -6.57
C ASP A 475 -7.05 -22.36 -7.82
N ARG A 476 -7.75 -22.11 -8.94
CA ARG A 476 -7.07 -21.69 -10.13
C ARG A 476 -6.39 -20.32 -9.96
N TRP A 477 -6.99 -19.47 -9.15
CA TRP A 477 -6.52 -18.08 -8.98
C TRP A 477 -5.55 -17.86 -7.78
N THR A 478 -5.43 -18.87 -6.96
CA THR A 478 -4.68 -18.80 -5.70
C THR A 478 -3.48 -19.78 -5.59
N LEU A 479 -3.58 -20.97 -6.17
CA LEU A 479 -2.51 -21.97 -6.16
C LEU A 479 -1.45 -21.80 -7.28
N GLN A 480 -1.77 -21.09 -8.33
CA GLN A 480 -0.82 -20.81 -9.42
C GLN A 480 -0.65 -19.32 -9.53
N MET A 481 0.50 -18.89 -9.97
CA MET A 481 0.81 -17.49 -10.21
C MET A 481 0.22 -17.00 -11.53
N GLY A 482 0.15 -15.69 -11.66
CA GLY A 482 -0.14 -15.05 -12.91
C GLY A 482 -1.61 -15.03 -13.30
N PHE A 483 -1.86 -14.74 -14.59
CA PHE A 483 -3.21 -14.61 -15.06
C PHE A 483 -3.24 -14.83 -16.60
N PRO A 484 -4.38 -15.18 -17.17
CA PRO A 484 -4.50 -15.40 -18.62
C PRO A 484 -4.70 -14.14 -19.43
N VAL A 485 -4.18 -14.11 -20.64
CA VAL A 485 -4.75 -13.24 -21.66
C VAL A 485 -5.86 -14.08 -22.33
N ILE A 486 -7.01 -13.46 -22.51
CA ILE A 486 -8.13 -14.08 -23.21
C ILE A 486 -8.19 -13.46 -24.60
N THR A 487 -8.02 -14.29 -25.62
CA THR A 487 -8.03 -13.83 -27.02
C THR A 487 -9.33 -14.26 -27.73
N VAL A 488 -10.04 -13.31 -28.31
CA VAL A 488 -11.28 -13.59 -29.01
C VAL A 488 -11.12 -13.35 -30.54
N ASP A 489 -11.37 -14.40 -31.32
CA ASP A 489 -11.57 -14.25 -32.77
C ASP A 489 -13.05 -14.06 -33.09
N THR A 490 -13.45 -12.83 -33.41
CA THR A 490 -14.85 -12.49 -33.51
C THR A 490 -15.55 -12.95 -34.83
N LYS A 491 -14.76 -13.45 -35.76
CA LYS A 491 -15.30 -13.96 -37.04
C LYS A 491 -16.05 -15.26 -36.70
N THR A 492 -15.49 -16.05 -35.78
CA THR A 492 -15.97 -17.38 -35.48
C THR A 492 -16.53 -17.51 -34.05
N GLY A 493 -16.14 -16.59 -33.18
CA GLY A 493 -16.44 -16.72 -31.74
C GLY A 493 -15.56 -17.72 -30.99
N ASN A 494 -14.42 -18.08 -31.57
CA ASN A 494 -13.42 -18.86 -30.86
C ASN A 494 -12.79 -17.96 -29.78
N ILE A 495 -12.49 -18.58 -28.68
CA ILE A 495 -11.99 -17.82 -27.50
C ILE A 495 -10.97 -18.70 -26.80
N SER A 496 -9.77 -18.18 -26.64
CA SER A 496 -8.72 -18.96 -25.99
C SER A 496 -8.08 -18.23 -24.76
N GLN A 497 -7.44 -19.04 -23.91
CA GLN A 497 -6.62 -18.51 -22.80
C GLN A 497 -5.23 -19.08 -22.87
N LYS A 498 -4.24 -18.21 -22.62
CA LYS A 498 -2.92 -18.68 -22.22
C LYS A 498 -2.35 -17.80 -21.11
N HIS A 499 -1.48 -18.38 -20.29
CA HIS A 499 -0.69 -17.62 -19.32
C HIS A 499 -0.08 -16.40 -19.94
N PHE A 500 -0.41 -15.22 -19.44
CA PHE A 500 0.13 -13.96 -20.00
C PHE A 500 1.48 -13.52 -19.41
N LEU A 501 2.46 -13.30 -20.28
CA LEU A 501 3.76 -12.78 -19.92
C LEU A 501 4.14 -11.60 -20.79
N LEU A 502 4.59 -10.50 -20.16
CA LEU A 502 5.01 -9.32 -20.90
C LEU A 502 6.22 -9.59 -21.79
N ASP A 503 7.09 -10.48 -21.34
CA ASP A 503 8.22 -10.88 -22.12
C ASP A 503 7.92 -12.19 -22.90
N SER A 504 7.54 -12.02 -24.16
CA SER A 504 7.22 -13.18 -25.07
C SER A 504 8.31 -14.27 -25.17
N GLU A 505 9.54 -13.94 -24.74
CA GLU A 505 10.68 -14.89 -24.75
C GLU A 505 10.99 -15.48 -23.38
N SER A 506 10.14 -15.19 -22.41
CA SER A 506 10.38 -15.61 -21.00
C SER A 506 10.27 -17.12 -20.84
N ASN A 507 11.23 -17.70 -20.12
CA ASN A 507 11.09 -19.08 -19.68
C ASN A 507 10.48 -19.15 -18.26
N VAL A 508 9.24 -19.61 -18.21
CA VAL A 508 8.58 -19.92 -16.94
C VAL A 508 9.10 -21.25 -16.40
N THR A 509 9.61 -21.22 -15.16
CA THR A 509 10.16 -22.42 -14.51
C THR A 509 9.28 -22.91 -13.41
N ARG A 510 8.49 -22.02 -12.78
CA ARG A 510 7.55 -22.46 -11.76
C ARG A 510 6.42 -23.28 -12.39
N SER A 511 6.28 -24.53 -11.94
CA SER A 511 5.23 -25.37 -12.52
C SER A 511 3.87 -25.09 -11.86
N SER A 512 2.79 -25.35 -12.59
CA SER A 512 1.44 -25.30 -12.05
C SER A 512 0.74 -26.65 -12.08
N ALA A 513 -0.04 -26.88 -11.03
CA ALA A 513 -0.87 -28.07 -10.93
C ALA A 513 -1.91 -28.09 -12.07
N PHE A 514 -2.17 -26.93 -12.68
CA PHE A 514 -3.25 -26.77 -13.62
C PHE A 514 -2.73 -26.40 -15.00
N ASP A 515 -1.42 -26.54 -15.20
CA ASP A 515 -0.80 -26.22 -16.47
C ASP A 515 -1.15 -24.81 -16.93
N TYR A 516 -1.23 -23.89 -15.99
CA TYR A 516 -1.57 -22.50 -16.31
C TYR A 516 -2.86 -22.37 -17.15
N LEU A 517 -3.87 -23.12 -16.75
CA LEU A 517 -5.23 -22.90 -17.19
C LEU A 517 -6.13 -22.41 -16.03
N TRP A 518 -7.00 -21.47 -16.32
CA TRP A 518 -7.93 -20.94 -15.37
C TRP A 518 -9.39 -21.31 -15.68
N ILE A 519 -10.25 -21.23 -14.66
CA ILE A 519 -11.68 -21.15 -14.85
C ILE A 519 -12.09 -19.68 -14.76
N VAL A 520 -12.58 -19.11 -15.85
CA VAL A 520 -12.62 -17.68 -16.01
C VAL A 520 -14.03 -17.14 -16.22
N PRO A 521 -14.50 -16.30 -15.31
CA PRO A 521 -15.75 -15.61 -15.44
C PRO A 521 -15.67 -14.47 -16.48
N ILE A 522 -16.51 -14.57 -17.52
CA ILE A 522 -16.42 -13.63 -18.62
C ILE A 522 -17.75 -12.95 -18.86
N SER A 523 -17.81 -11.67 -18.50
CA SER A 523 -18.90 -10.81 -18.89
C SER A 523 -18.57 -10.17 -20.23
N SER A 524 -19.58 -9.72 -20.93
CA SER A 524 -19.37 -9.11 -22.27
C SER A 524 -20.48 -8.17 -22.60
N ILE A 525 -20.12 -7.14 -23.38
CA ILE A 525 -21.05 -6.17 -23.92
C ILE A 525 -20.95 -6.35 -25.46
N LYS A 526 -22.08 -6.29 -26.14
CA LYS A 526 -22.08 -6.26 -27.60
C LYS A 526 -22.91 -5.09 -28.09
N ASN A 527 -22.35 -4.28 -28.97
CA ASN A 527 -23.04 -3.05 -29.43
C ASN A 527 -23.56 -2.20 -28.26
N GLY A 528 -22.88 -2.31 -27.12
CA GLY A 528 -23.27 -1.52 -25.93
C GLY A 528 -24.39 -2.13 -25.11
N VAL A 529 -24.71 -3.39 -25.37
CA VAL A 529 -25.74 -4.08 -24.64
C VAL A 529 -25.13 -5.29 -23.90
N MET A 530 -25.38 -5.37 -22.59
CA MET A 530 -24.89 -6.50 -21.81
C MET A 530 -25.33 -7.81 -22.42
N GLN A 531 -24.43 -8.78 -22.50
CA GLN A 531 -24.78 -10.14 -22.94
C GLN A 531 -24.88 -11.05 -21.76
N ASP A 532 -25.40 -12.23 -21.97
CA ASP A 532 -25.43 -13.27 -20.93
C ASP A 532 -24.01 -13.52 -20.48
N HIS A 533 -23.89 -13.97 -19.24
CA HIS A 533 -22.60 -14.25 -18.65
C HIS A 533 -22.05 -15.60 -19.09
N TYR A 534 -20.73 -15.70 -19.22
CA TYR A 534 -20.09 -16.90 -19.76
C TYR A 534 -18.97 -17.33 -18.83
N TRP A 535 -18.82 -18.64 -18.64
CA TRP A 535 -17.64 -19.22 -18.02
C TRP A 535 -16.75 -19.97 -19.01
N LEU A 536 -15.52 -19.51 -19.20
CA LEU A 536 -14.46 -20.30 -19.78
C LEU A 536 -13.98 -21.37 -18.80
N ARG A 537 -14.22 -22.61 -19.13
CA ARG A 537 -13.75 -23.72 -18.36
C ARG A 537 -12.26 -23.93 -18.53
N ASP A 538 -11.70 -24.92 -17.86
CA ASP A 538 -10.26 -25.10 -17.87
C ASP A 538 -9.79 -25.81 -19.13
N VAL A 539 -9.92 -25.12 -20.27
CA VAL A 539 -9.47 -25.62 -21.57
C VAL A 539 -8.76 -24.49 -22.30
N SER A 540 -7.79 -24.82 -23.14
CA SER A 540 -7.07 -23.86 -24.00
C SER A 540 -8.02 -23.09 -24.89
N GLN A 541 -9.02 -23.76 -25.40
CA GLN A 541 -9.92 -23.09 -26.31
C GLN A 541 -11.30 -23.62 -26.31
N ALA A 542 -12.17 -22.68 -26.57
CA ALA A 542 -13.58 -22.99 -26.71
C ALA A 542 -14.21 -22.10 -27.78
N GLN A 543 -15.51 -22.25 -27.95
CA GLN A 543 -16.26 -21.45 -28.91
C GLN A 543 -17.60 -21.09 -28.37
N ASN A 544 -18.02 -19.85 -28.62
CA ASN A 544 -19.40 -19.46 -28.29
C ASN A 544 -19.89 -18.31 -29.13
N ASP A 545 -21.16 -18.36 -29.51
CA ASP A 545 -21.73 -17.32 -30.38
C ASP A 545 -21.80 -15.98 -29.70
N LEU A 546 -21.80 -15.97 -28.37
CA LEU A 546 -21.65 -14.71 -27.63
C LEU A 546 -20.48 -13.85 -28.14
N PHE A 547 -19.42 -14.49 -28.64
CA PHE A 547 -18.21 -13.78 -29.05
C PHE A 547 -18.07 -13.75 -30.56
N LYS A 548 -19.18 -14.00 -31.26
CA LYS A 548 -19.21 -13.96 -32.73
C LYS A 548 -19.91 -12.71 -33.15
N THR A 549 -19.28 -11.96 -34.04
CA THR A 549 -19.79 -10.64 -34.45
C THR A 549 -20.22 -10.73 -35.94
N ALA A 550 -21.10 -9.80 -36.34
CA ALA A 550 -21.26 -9.47 -37.75
C ALA A 550 -20.23 -8.38 -38.13
N SER A 551 -20.29 -7.89 -39.35
CA SER A 551 -19.27 -6.98 -39.85
C SER A 551 -19.38 -5.53 -39.33
N ASP A 552 -20.59 -5.10 -38.93
CA ASP A 552 -20.78 -3.77 -38.35
C ASP A 552 -20.67 -3.81 -36.82
N ASP A 553 -21.02 -4.96 -36.25
CA ASP A 553 -21.09 -5.19 -34.82
C ASP A 553 -19.77 -5.34 -34.05
N TRP A 554 -19.75 -4.97 -32.77
CA TRP A 554 -18.54 -5.26 -31.97
C TRP A 554 -18.91 -5.91 -30.64
N VAL A 555 -17.92 -6.61 -30.09
CA VAL A 555 -18.03 -7.22 -28.80
C VAL A 555 -16.85 -6.83 -27.91
N LEU A 556 -17.13 -6.71 -26.60
CA LEU A 556 -16.11 -6.30 -25.64
C LEU A 556 -16.23 -7.09 -24.35
N LEU A 557 -15.14 -7.74 -23.94
CA LEU A 557 -15.19 -8.69 -22.83
C LEU A 557 -14.74 -8.02 -21.50
N ASN A 558 -15.15 -8.60 -20.39
CA ASN A 558 -14.71 -8.19 -19.04
C ASN A 558 -15.19 -6.80 -18.66
N VAL A 559 -16.49 -6.70 -18.46
CA VAL A 559 -17.09 -5.39 -18.22
C VAL A 559 -16.53 -4.87 -16.89
N ASN A 560 -16.03 -3.66 -16.92
CA ASN A 560 -15.53 -3.00 -15.73
C ASN A 560 -14.31 -3.69 -15.12
N VAL A 561 -13.66 -4.52 -15.90
CA VAL A 561 -12.52 -5.32 -15.49
C VAL A 561 -12.71 -5.91 -14.09
N THR A 562 -13.83 -6.58 -13.90
CA THR A 562 -14.10 -7.31 -12.68
C THR A 562 -13.27 -8.58 -12.65
N GLY A 563 -12.93 -9.11 -13.83
CA GLY A 563 -12.13 -10.32 -13.92
C GLY A 563 -10.63 -10.01 -13.97
N TYR A 564 -9.83 -10.82 -13.27
CA TYR A 564 -8.40 -10.70 -13.23
C TYR A 564 -7.76 -11.30 -14.50
N PHE A 565 -7.95 -10.64 -15.65
CA PHE A 565 -7.33 -11.07 -16.91
C PHE A 565 -7.35 -9.93 -17.90
N GLN A 566 -6.55 -10.04 -18.95
CA GLN A 566 -6.54 -9.10 -20.05
C GLN A 566 -7.11 -9.70 -21.36
N VAL A 567 -7.65 -8.84 -22.21
CA VAL A 567 -8.39 -9.32 -23.39
C VAL A 567 -7.73 -8.82 -24.67
N ASN A 568 -7.50 -9.74 -25.60
CA ASN A 568 -7.14 -9.43 -26.99
C ASN A 568 -8.21 -9.91 -27.99
N TYR A 569 -8.31 -9.16 -29.11
CA TYR A 569 -9.19 -9.49 -30.23
C TYR A 569 -8.44 -9.58 -31.55
N ASP A 570 -9.11 -10.17 -32.55
CA ASP A 570 -8.82 -9.91 -33.95
C ASP A 570 -8.89 -8.39 -34.28
N GLU A 571 -8.10 -7.98 -35.28
CA GLU A 571 -8.00 -6.55 -35.65
C GLU A 571 -9.30 -5.90 -36.09
N ASP A 572 -10.16 -6.68 -36.73
CA ASP A 572 -11.46 -6.14 -37.17
C ASP A 572 -12.25 -5.65 -35.96
N ASN A 573 -12.41 -6.52 -34.99
CA ASN A 573 -13.11 -6.15 -33.77
C ASN A 573 -12.40 -4.97 -33.06
N TRP A 574 -11.09 -4.97 -33.05
CA TRP A 574 -10.38 -3.78 -32.55
C TRP A 574 -10.81 -2.47 -33.25
N ARG A 575 -10.84 -2.47 -34.58
CA ARG A 575 -11.23 -1.28 -35.32
C ARG A 575 -12.65 -0.85 -35.06
N MET A 576 -13.56 -1.80 -34.91
CA MET A 576 -14.96 -1.48 -34.58
C MET A 576 -15.05 -0.80 -33.21
N ILE A 577 -14.30 -1.32 -32.23
CA ILE A 577 -14.26 -0.67 -30.93
C ILE A 577 -13.75 0.76 -31.12
N GLN A 578 -12.68 0.89 -31.89
CA GLN A 578 -12.11 2.20 -32.19
C GLN A 578 -13.15 3.18 -32.81
N HIS A 579 -13.85 2.74 -33.87
CA HIS A 579 -14.87 3.59 -34.53
C HIS A 579 -15.91 4.04 -33.53
N GLN A 580 -16.35 3.07 -32.69
CA GLN A 580 -17.32 3.35 -31.65
C GLN A 580 -16.83 4.41 -30.69
N LEU A 581 -15.57 4.29 -30.29
CA LEU A 581 -14.96 5.24 -29.35
C LEU A 581 -14.84 6.64 -29.92
N GLN A 582 -14.74 6.70 -31.25
CA GLN A 582 -14.67 7.98 -31.95
C GLN A 582 -16.02 8.65 -32.22
N THR A 583 -17.08 7.87 -32.35
CA THR A 583 -18.37 8.41 -32.80
C THR A 583 -19.38 8.61 -31.68
N ASN A 584 -19.52 7.62 -30.79
CA ASN A 584 -20.23 7.81 -29.53
C ASN A 584 -19.53 6.99 -28.41
N LEU A 585 -18.59 7.63 -27.72
CA LEU A 585 -17.79 6.92 -26.69
C LEU A 585 -18.65 6.48 -25.48
N SER A 586 -19.80 7.13 -25.30
CA SER A 586 -20.69 6.88 -24.18
C SER A 586 -21.26 5.49 -24.14
N VAL A 587 -21.21 4.78 -25.27
CA VAL A 587 -21.78 3.45 -25.37
C VAL A 587 -20.93 2.42 -24.58
N ILE A 588 -19.68 2.76 -24.30
CA ILE A 588 -18.77 1.82 -23.67
C ILE A 588 -18.40 2.31 -22.28
N PRO A 589 -18.55 1.44 -21.27
CA PRO A 589 -18.31 1.87 -19.89
C PRO A 589 -16.94 2.53 -19.75
N VAL A 590 -16.89 3.64 -19.01
CA VAL A 590 -15.65 4.38 -18.85
C VAL A 590 -14.46 3.52 -18.37
N ILE A 591 -14.71 2.53 -17.54
CA ILE A 591 -13.63 1.63 -17.12
C ILE A 591 -13.10 0.82 -18.33
N ASN A 592 -13.98 0.47 -19.25
CA ASN A 592 -13.56 -0.30 -20.40
C ASN A 592 -12.84 0.55 -21.44
N ARG A 593 -13.25 1.80 -21.57
CA ARG A 593 -12.50 2.77 -22.35
C ARG A 593 -11.06 2.83 -21.89
N ALA A 594 -10.82 2.60 -20.59
CA ALA A 594 -9.46 2.55 -20.09
C ALA A 594 -8.83 1.19 -20.36
N GLN A 595 -9.63 0.14 -20.21
CA GLN A 595 -9.16 -1.21 -20.41
C GLN A 595 -8.53 -1.41 -21.78
N VAL A 596 -9.25 -0.90 -22.79
CA VAL A 596 -8.83 -0.97 -24.19
C VAL A 596 -7.41 -0.47 -24.31
N ILE A 597 -7.16 0.67 -23.70
CA ILE A 597 -5.84 1.26 -23.63
C ILE A 597 -4.85 0.42 -22.79
N TYR A 598 -5.20 0.07 -21.55
CA TYR A 598 -4.30 -0.66 -20.70
C TYR A 598 -3.88 -1.99 -21.29
N ASP A 599 -4.87 -2.79 -21.65
CA ASP A 599 -4.59 -4.10 -22.25
C ASP A 599 -3.72 -4.04 -23.53
N SER A 600 -4.08 -3.16 -24.45
CA SER A 600 -3.43 -3.13 -25.77
C SER A 600 -1.95 -2.76 -25.71
N PHE A 601 -1.59 -1.84 -24.81
CA PHE A 601 -0.15 -1.54 -24.56
C PHE A 601 0.61 -2.71 -23.93
N ASN A 602 -0.01 -3.42 -23.03
CA ASN A 602 0.58 -4.66 -22.49
C ASN A 602 0.70 -5.73 -23.60
N LEU A 603 -0.35 -5.88 -24.40
CA LEU A 603 -0.34 -6.84 -25.53
C LEU A 603 0.79 -6.51 -26.52
N ALA A 604 0.92 -5.23 -26.84
CA ALA A 604 2.02 -4.77 -27.72
C ALA A 604 3.38 -5.10 -27.14
N THR A 605 3.56 -4.80 -25.85
CA THR A 605 4.78 -5.20 -25.13
C THR A 605 5.07 -6.69 -25.30
N ALA A 606 4.01 -7.50 -25.19
CA ALA A 606 4.13 -8.98 -25.31
C ALA A 606 4.20 -9.50 -26.75
N HIS A 607 4.20 -8.56 -27.72
CA HIS A 607 4.21 -8.86 -29.15
C HIS A 607 2.94 -9.58 -29.65
N MET A 608 1.80 -9.25 -29.04
CA MET A 608 0.54 -9.89 -29.37
C MET A 608 -0.36 -9.01 -30.21
N VAL A 609 -0.15 -7.70 -30.13
CA VAL A 609 -0.61 -6.77 -31.15
C VAL A 609 0.57 -5.89 -31.58
N PRO A 610 0.49 -5.23 -32.73
CA PRO A 610 1.53 -4.25 -33.05
C PRO A 610 1.36 -2.96 -32.22
N VAL A 611 2.48 -2.31 -31.92
CA VAL A 611 2.48 -1.14 -31.10
C VAL A 611 1.59 -0.03 -31.62
N THR A 612 1.46 0.04 -32.96
CA THR A 612 0.63 1.04 -33.61
C THR A 612 -0.86 0.86 -33.32
N LEU A 613 -1.26 -0.36 -33.00
CA LEU A 613 -2.65 -0.66 -32.66
C LEU A 613 -2.99 -0.08 -31.28
N ALA A 614 -2.08 -0.25 -30.35
CA ALA A 614 -2.18 0.37 -29.01
C ALA A 614 -2.23 1.90 -29.08
N LEU A 615 -1.31 2.48 -29.85
CA LEU A 615 -1.37 3.91 -30.15
C LEU A 615 -2.70 4.34 -30.79
N ASP A 616 -3.20 3.57 -31.75
CA ASP A 616 -4.52 3.83 -32.35
C ASP A 616 -5.61 3.91 -31.27
N ASN A 617 -5.46 3.12 -30.21
CA ASN A 617 -6.45 3.09 -29.11
C ASN A 617 -6.44 4.37 -28.24
N THR A 618 -5.49 5.30 -28.48
CA THR A 618 -5.51 6.60 -27.87
C THR A 618 -6.16 7.71 -28.69
N LEU A 619 -6.44 7.42 -29.97
CA LEU A 619 -6.93 8.45 -30.89
C LEU A 619 -8.24 9.02 -30.42
N PHE A 620 -9.04 8.21 -29.74
CA PHE A 620 -10.38 8.71 -29.31
C PHE A 620 -10.32 9.77 -28.22
N LEU A 621 -9.14 9.96 -27.62
CA LEU A 621 -9.03 10.76 -26.38
C LEU A 621 -9.28 12.25 -26.55
N ASN A 622 -9.23 12.74 -27.79
CA ASN A 622 -9.43 14.16 -28.03
C ASN A 622 -10.84 14.63 -27.69
N GLY A 623 -11.78 13.70 -27.55
CA GLY A 623 -13.13 14.00 -27.06
C GLY A 623 -13.48 13.26 -25.77
N GLU A 624 -12.47 12.77 -25.08
CA GLU A 624 -12.67 12.06 -23.80
C GLU A 624 -12.55 13.05 -22.64
N LYS A 625 -13.60 13.11 -21.83
CA LYS A 625 -13.63 14.04 -20.69
C LYS A 625 -13.20 13.36 -19.39
N GLU A 626 -13.32 12.04 -19.33
CA GLU A 626 -13.28 11.35 -18.05
C GLU A 626 -11.87 10.98 -17.62
N TYR A 627 -11.70 10.74 -16.33
CA TYR A 627 -10.38 10.58 -15.77
C TYR A 627 -9.67 9.34 -16.30
N MET A 628 -10.32 8.19 -16.19
CA MET A 628 -9.60 6.92 -16.25
C MET A 628 -8.92 6.60 -17.58
N PRO A 629 -9.63 6.78 -18.69
CA PRO A 629 -9.03 6.44 -19.97
C PRO A 629 -7.79 7.28 -20.22
N TRP A 630 -7.83 8.54 -19.80
CA TRP A 630 -6.68 9.43 -19.95
C TRP A 630 -5.51 8.95 -19.08
N GLN A 631 -5.85 8.48 -17.89
CA GLN A 631 -4.86 7.97 -16.96
C GLN A 631 -4.22 6.71 -17.50
N ALA A 632 -5.01 5.88 -18.17
CA ALA A 632 -4.48 4.68 -18.82
C ALA A 632 -3.40 5.08 -19.85
N ALA A 633 -3.73 6.10 -20.63
CA ALA A 633 -2.86 6.62 -21.66
C ALA A 633 -1.55 7.13 -21.06
N LEU A 634 -1.68 8.02 -20.06
CA LEU A 634 -0.50 8.62 -19.48
C LEU A 634 0.38 7.57 -18.78
N SER A 635 -0.23 6.58 -18.16
CA SER A 635 0.51 5.49 -17.53
C SER A 635 1.22 4.66 -18.58
N SER A 636 0.54 4.36 -19.69
CA SER A 636 1.16 3.50 -20.72
C SER A 636 2.23 4.22 -21.48
N LEU A 637 2.16 5.54 -21.56
CA LEU A 637 3.06 6.33 -22.39
C LEU A 637 4.28 6.84 -21.64
N SER A 638 4.23 6.84 -20.31
CA SER A 638 5.33 7.44 -19.55
C SER A 638 6.64 6.75 -19.90
N TYR A 639 6.60 5.44 -20.17
CA TYR A 639 7.79 4.72 -20.67
C TYR A 639 8.26 5.24 -22.03
N PHE A 640 7.31 5.58 -22.90
CA PHE A 640 7.64 6.11 -24.23
C PHE A 640 8.36 7.45 -24.06
N SER A 641 7.81 8.29 -23.18
CA SER A 641 8.47 9.52 -22.80
C SER A 641 9.88 9.28 -22.24
N LEU A 642 10.02 8.26 -21.40
CA LEU A 642 11.30 7.96 -20.82
C LEU A 642 12.31 7.53 -21.85
N MET A 643 11.86 6.80 -22.84
CA MET A 643 12.76 6.27 -23.84
C MET A 643 13.12 7.29 -24.89
N PHE A 644 12.19 8.18 -25.20
CA PHE A 644 12.28 8.97 -26.43
C PHE A 644 12.45 10.45 -26.19
N ASP A 645 12.39 10.90 -24.93
CA ASP A 645 12.35 12.35 -24.70
C ASP A 645 13.69 13.05 -24.99
N ARG A 646 14.71 12.29 -25.41
CA ARG A 646 15.93 12.91 -25.92
C ARG A 646 16.19 12.62 -27.41
N SER A 647 15.14 12.21 -28.11
CA SER A 647 15.26 11.73 -29.48
C SER A 647 14.37 12.49 -30.44
N GLU A 648 14.66 12.33 -31.74
CA GLU A 648 13.81 12.84 -32.81
C GLU A 648 12.33 12.45 -32.73
N VAL A 649 12.03 11.38 -32.00
CA VAL A 649 10.65 10.95 -31.80
C VAL A 649 9.86 11.93 -30.95
N TYR A 650 10.53 12.71 -30.15
CA TYR A 650 9.86 13.48 -29.12
C TYR A 650 8.97 14.58 -29.63
N GLY A 651 9.46 15.36 -30.60
CA GLY A 651 8.66 16.51 -31.10
C GLY A 651 7.26 16.13 -31.56
N PRO A 652 7.16 15.10 -32.41
CA PRO A 652 5.86 14.56 -32.84
C PRO A 652 5.04 13.93 -31.71
N MET A 653 5.71 13.31 -30.75
CA MET A 653 5.00 12.87 -29.53
C MET A 653 4.30 14.03 -28.81
N LYS A 654 5.06 15.06 -28.46
CA LYS A 654 4.50 16.29 -27.88
C LYS A 654 3.40 16.88 -28.71
N LYS A 655 3.63 17.05 -30.01
CA LYS A 655 2.63 17.61 -30.88
C LYS A 655 1.38 16.79 -30.78
N TYR A 656 1.51 15.48 -30.92
CA TYR A 656 0.34 14.60 -30.87
C TYR A 656 -0.45 14.79 -29.56
N LEU A 657 0.29 14.78 -28.45
CA LEU A 657 -0.34 14.94 -27.13
C LEU A 657 -1.00 16.30 -26.92
N ARG A 658 -0.31 17.36 -27.35
CA ARG A 658 -0.91 18.70 -27.43
C ARG A 658 -2.23 18.65 -28.22
N LYS A 659 -2.22 17.96 -29.34
CA LYS A 659 -3.43 17.82 -30.14
C LYS A 659 -4.52 17.19 -29.29
N GLN A 660 -4.19 16.07 -28.65
CA GLN A 660 -5.20 15.27 -27.98
C GLN A 660 -5.81 15.99 -26.76
N VAL A 661 -4.97 16.70 -26.03
CA VAL A 661 -5.39 17.25 -24.77
C VAL A 661 -5.97 18.66 -24.85
N GLU A 662 -5.78 19.35 -25.98
CA GLU A 662 -6.22 20.72 -26.06
C GLU A 662 -7.72 20.90 -25.83
N PRO A 663 -8.56 20.06 -26.49
CA PRO A 663 -10.01 20.13 -26.22
C PRO A 663 -10.40 19.91 -24.75
N LEU A 664 -9.75 18.95 -24.08
CA LEU A 664 -9.95 18.79 -22.64
C LEU A 664 -9.54 20.03 -21.86
N PHE A 665 -8.40 20.63 -22.23
CA PHE A 665 -7.98 21.87 -21.60
C PHE A 665 -9.03 22.96 -21.81
N GLN A 666 -9.54 23.05 -23.04
CA GLN A 666 -10.60 24.01 -23.35
C GLN A 666 -11.82 23.74 -22.52
N HIS A 667 -12.20 22.46 -22.47
CA HIS A 667 -13.41 22.07 -21.75
C HIS A 667 -13.37 22.49 -20.28
N PHE A 668 -12.22 22.28 -19.63
CA PHE A 668 -12.09 22.65 -18.21
C PHE A 668 -11.95 24.15 -18.06
N GLU A 669 -11.38 24.81 -19.05
CA GLU A 669 -11.30 26.26 -19.04
C GLU A 669 -12.68 26.90 -18.90
N THR A 670 -13.68 26.33 -19.57
CA THR A 670 -15.08 26.80 -19.49
C THR A 670 -15.72 26.32 -18.18
N LEU A 671 -15.77 25.00 -17.99
CA LEU A 671 -16.36 24.39 -16.82
C LEU A 671 -15.92 25.07 -15.53
N THR A 672 -14.65 25.45 -15.44
CA THR A 672 -14.10 25.98 -14.18
C THR A 672 -14.25 27.48 -14.01
N LYS A 673 -14.77 28.15 -15.04
CA LYS A 673 -14.96 29.61 -15.00
C LYS A 673 -13.63 30.31 -14.91
N ASN A 674 -12.84 30.19 -15.97
CA ASN A 674 -11.48 30.80 -16.02
C ASN A 674 -10.68 30.24 -14.88
N TRP A 675 -10.94 28.98 -14.54
CA TRP A 675 -10.13 28.25 -13.54
C TRP A 675 -10.39 28.71 -12.11
N THR A 676 -11.44 29.49 -11.89
CA THR A 676 -11.73 29.97 -10.52
C THR A 676 -12.43 28.96 -9.59
N GLU A 677 -13.13 27.97 -10.17
CA GLU A 677 -13.78 26.95 -9.34
C GLU A 677 -13.53 25.53 -9.83
N ARG A 678 -13.22 24.63 -8.91
CA ARG A 678 -12.93 23.26 -9.27
C ARG A 678 -14.20 22.53 -9.68
N PRO A 679 -14.07 21.50 -10.53
CA PRO A 679 -15.20 20.58 -10.75
C PRO A 679 -15.65 19.95 -9.43
N GLU A 680 -16.92 19.54 -9.37
CA GLU A 680 -17.50 19.13 -8.10
C GLU A 680 -17.01 17.76 -7.57
N ASN A 681 -17.05 16.74 -8.41
CA ASN A 681 -16.73 15.38 -7.94
C ASN A 681 -15.25 15.00 -8.16
N LEU A 682 -14.87 13.88 -7.61
CA LEU A 682 -13.46 13.52 -7.56
C LEU A 682 -12.90 13.11 -8.93
N MET A 683 -13.66 12.33 -9.68
CA MET A 683 -13.21 11.86 -10.98
C MET A 683 -12.91 13.02 -11.93
N ASP A 684 -13.72 14.06 -11.87
CA ASP A 684 -13.56 15.20 -12.76
C ASP A 684 -12.47 16.12 -12.31
N GLN A 685 -12.29 16.22 -11.00
CA GLN A 685 -11.12 16.90 -10.44
C GLN A 685 -9.84 16.21 -10.87
N TYR A 686 -9.82 14.89 -10.78
CA TYR A 686 -8.65 14.11 -11.19
C TYR A 686 -8.38 14.35 -12.68
N SER A 687 -9.42 14.34 -13.48
CA SER A 687 -9.27 14.59 -14.92
C SER A 687 -8.67 15.96 -15.18
N GLU A 688 -9.21 16.98 -14.50
CA GLU A 688 -8.64 18.33 -14.60
C GLU A 688 -7.17 18.35 -14.19
N ILE A 689 -6.83 17.69 -13.10
CA ILE A 689 -5.43 17.66 -12.70
C ILE A 689 -4.55 17.06 -13.81
N ASN A 690 -4.98 15.95 -14.39
CA ASN A 690 -4.18 15.29 -15.43
C ASN A 690 -4.14 16.13 -16.72
N ALA A 691 -5.26 16.75 -17.05
CA ALA A 691 -5.33 17.54 -18.27
C ALA A 691 -4.34 18.68 -18.21
N ILE A 692 -4.29 19.34 -17.06
CA ILE A 692 -3.38 20.47 -16.88
C ILE A 692 -1.95 19.99 -16.87
N SER A 693 -1.68 18.92 -16.14
CA SER A 693 -0.37 18.31 -16.21
C SER A 693 0.05 17.95 -17.64
N THR A 694 -0.84 17.26 -18.36
CA THR A 694 -0.51 16.81 -19.70
C THR A 694 -0.31 17.99 -20.65
N ALA A 695 -1.24 18.92 -20.64
CA ALA A 695 -1.10 20.13 -21.44
C ALA A 695 0.24 20.80 -21.20
N CYS A 696 0.51 21.09 -19.92
CA CYS A 696 1.67 21.94 -19.58
C CYS A 696 3.00 21.26 -19.91
N SER A 697 3.11 19.98 -19.59
CA SER A 697 4.35 19.27 -19.79
C SER A 697 4.61 19.02 -21.28
N ASN A 698 3.60 19.15 -22.12
CA ASN A 698 3.76 19.03 -23.56
C ASN A 698 3.81 20.39 -24.28
N GLY A 699 3.88 21.47 -23.52
CA GLY A 699 4.06 22.78 -24.09
C GLY A 699 2.89 23.33 -24.87
N LEU A 700 1.67 23.10 -24.39
CA LEU A 700 0.49 23.88 -24.82
C LEU A 700 0.54 25.31 -24.29
N PRO A 701 0.70 26.30 -25.17
CA PRO A 701 0.89 27.68 -24.72
C PRO A 701 -0.16 28.20 -23.72
N GLN A 702 -1.41 27.82 -23.88
CA GLN A 702 -2.45 28.29 -22.99
C GLN A 702 -2.26 27.80 -21.56
N CYS A 703 -1.75 26.58 -21.39
CA CYS A 703 -1.40 26.08 -20.05
C CYS A 703 -0.14 26.76 -19.51
N GLU A 704 0.83 26.97 -20.38
CA GLU A 704 2.06 27.67 -20.02
C GLU A 704 1.73 29.09 -19.52
N ASN A 705 0.80 29.75 -20.23
CA ASN A 705 0.34 31.08 -19.83
C ASN A 705 -0.35 31.09 -18.46
N LEU A 706 -1.21 30.09 -18.24
CA LEU A 706 -1.92 29.93 -16.96
C LEU A 706 -0.92 29.79 -15.81
N ALA A 707 0.07 28.92 -16.01
CA ALA A 707 1.05 28.65 -14.98
C ALA A 707 1.95 29.86 -14.67
N LYS A 708 2.30 30.64 -15.69
CA LYS A 708 3.09 31.84 -15.47
C LYS A 708 2.27 32.93 -14.80
N THR A 709 1.00 33.06 -15.17
CA THR A 709 0.12 34.10 -14.61
C THR A 709 -0.09 33.87 -13.11
N LEU A 710 -0.39 32.64 -12.73
CA LEU A 710 -0.66 32.30 -11.33
C LEU A 710 0.55 32.42 -10.43
N PHE A 711 1.69 31.92 -10.91
CA PHE A 711 2.94 31.99 -10.17
C PHE A 711 3.45 33.43 -10.12
N ASP A 712 3.22 34.20 -11.17
CA ASP A 712 3.46 35.65 -11.10
C ASP A 712 2.62 36.27 -9.97
N GLN A 713 1.36 35.88 -9.91
CA GLN A 713 0.43 36.39 -8.91
C GLN A 713 0.88 36.05 -7.49
N TRP A 714 1.22 34.79 -7.28
CA TRP A 714 1.69 34.33 -5.96
C TRP A 714 2.96 35.07 -5.52
N MET A 715 3.82 35.38 -6.47
CA MET A 715 5.08 36.02 -6.17
C MET A 715 4.89 37.48 -5.77
N SER A 716 3.87 38.14 -6.32
CA SER A 716 3.60 39.54 -5.94
C SER A 716 2.77 39.64 -4.67
N ASP A 717 2.31 38.51 -4.13
CA ASP A 717 1.58 38.51 -2.85
C ASP A 717 1.72 37.13 -2.16
N PRO A 718 2.90 36.89 -1.53
CA PRO A 718 3.37 35.62 -1.01
C PRO A 718 2.53 34.98 0.10
N GLU A 719 1.81 35.78 0.87
CA GLU A 719 1.03 35.20 1.99
C GLU A 719 -0.30 34.64 1.48
N ASN A 720 -0.70 35.05 0.28
CA ASN A 720 -1.96 34.53 -0.32
C ASN A 720 -1.70 33.74 -1.58
N ASN A 721 -1.47 32.43 -1.43
CA ASN A 721 -1.23 31.56 -2.56
C ASN A 721 -2.50 31.40 -3.40
N PRO A 722 -2.47 31.89 -4.64
CA PRO A 722 -3.66 31.83 -5.50
C PRO A 722 -3.91 30.44 -6.11
N ILE A 723 -2.97 29.53 -5.96
CA ILE A 723 -2.99 28.30 -6.70
C ILE A 723 -3.65 27.20 -5.89
N HIS A 724 -4.75 26.65 -6.41
CA HIS A 724 -5.43 25.59 -5.73
C HIS A 724 -4.52 24.37 -5.57
N PRO A 725 -4.54 23.73 -4.39
CA PRO A 725 -3.70 22.60 -4.08
C PRO A 725 -3.76 21.44 -5.09
N ASN A 726 -4.89 21.31 -5.80
CA ASN A 726 -5.03 20.30 -6.84
C ASN A 726 -4.00 20.57 -7.94
N LEU A 727 -3.83 21.84 -8.29
CA LEU A 727 -3.04 22.24 -9.47
C LEU A 727 -1.59 22.57 -9.14
N ARG A 728 -1.22 22.52 -7.87
CA ARG A 728 0.05 23.14 -7.43
C ARG A 728 1.28 22.52 -8.07
N SER A 729 1.34 21.19 -8.08
CA SER A 729 2.58 20.50 -8.51
C SER A 729 2.90 20.84 -9.99
N THR A 730 1.89 20.95 -10.82
CA THR A 730 2.06 21.33 -12.21
C THR A 730 2.41 22.81 -12.34
N ILE A 731 1.61 23.68 -11.72
CA ILE A 731 1.78 25.11 -11.90
C ILE A 731 3.09 25.63 -11.36
N TYR A 732 3.50 25.10 -10.21
CA TYR A 732 4.85 25.30 -9.70
C TYR A 732 5.89 24.88 -10.73
N CYS A 733 5.82 23.61 -11.15
CA CYS A 733 6.85 23.03 -12.02
C CYS A 733 6.94 23.78 -13.36
N ASN A 734 5.81 23.98 -14.02
CA ASN A 734 5.82 24.66 -15.29
C ASN A 734 6.34 26.09 -15.18
N ALA A 735 5.98 26.79 -14.12
CA ALA A 735 6.42 28.17 -13.94
C ALA A 735 7.91 28.28 -13.62
N ILE A 736 8.47 27.36 -12.82
CA ILE A 736 9.90 27.40 -12.54
C ILE A 736 10.63 27.05 -13.84
N ALA A 737 10.00 26.22 -14.67
CA ALA A 737 10.56 25.82 -15.94
C ALA A 737 10.72 27.03 -16.88
N GLN A 738 9.68 27.84 -17.01
CA GLN A 738 9.72 29.01 -17.87
C GLN A 738 10.53 30.13 -17.27
N GLY A 739 10.89 30.04 -16.01
CA GLY A 739 11.44 31.16 -15.27
C GLY A 739 12.90 30.99 -14.94
N GLY A 740 13.47 31.99 -14.29
CA GLY A 740 14.90 32.01 -13.99
C GLY A 740 15.16 31.87 -12.53
N GLN A 741 16.18 32.58 -12.05
CA GLN A 741 16.57 32.53 -10.63
C GLN A 741 15.56 33.29 -9.72
N ASP A 742 14.79 34.21 -10.27
CA ASP A 742 13.75 34.86 -9.48
C ASP A 742 12.69 33.88 -9.00
N GLN A 743 12.16 33.10 -9.92
CA GLN A 743 11.17 32.10 -9.59
C GLN A 743 11.76 31.03 -8.73
N TRP A 744 12.97 30.58 -9.06
CA TRP A 744 13.62 29.51 -8.29
C TRP A 744 13.88 29.94 -6.84
N ASP A 745 14.49 31.10 -6.66
CA ASP A 745 14.85 31.57 -5.31
C ASP A 745 13.62 31.80 -4.44
N PHE A 746 12.53 32.20 -5.08
CA PHE A 746 11.27 32.43 -4.40
C PHE A 746 10.67 31.12 -3.86
N ALA A 747 10.55 30.12 -4.73
CA ALA A 747 10.07 28.80 -4.32
C ALA A 747 11.01 28.18 -3.27
N TRP A 748 12.28 28.54 -3.36
CA TRP A 748 13.25 28.02 -2.41
C TRP A 748 12.95 28.54 -1.01
N GLY A 749 12.88 29.86 -0.88
CA GLY A 749 12.33 30.52 0.30
C GLY A 749 11.07 29.85 0.83
N GLN A 750 10.06 29.75 -0.01
CA GLN A 750 8.83 29.04 0.37
C GLN A 750 9.02 27.60 0.85
N LEU A 751 9.97 26.87 0.26
CA LEU A 751 10.29 25.52 0.73
C LEU A 751 10.88 25.55 2.14
N GLN A 752 11.74 26.52 2.41
CA GLN A 752 12.42 26.59 3.71
C GLN A 752 11.43 26.92 4.83
N GLN A 753 10.42 27.71 4.54
CA GLN A 753 9.50 28.18 5.57
C GLN A 753 8.17 27.42 5.55
N ALA A 754 8.08 26.36 4.77
CA ALA A 754 6.86 25.53 4.72
C ALA A 754 6.68 24.85 6.06
N GLN A 755 5.43 24.58 6.43
CA GLN A 755 5.16 23.85 7.68
C GLN A 755 4.66 22.45 7.39
N LEU A 756 4.17 22.23 6.17
CA LEU A 756 3.42 21.00 5.87
C LEU A 756 4.20 20.18 4.90
N VAL A 757 4.27 18.90 5.17
CA VAL A 757 5.08 17.98 4.37
C VAL A 757 4.62 17.99 2.91
N ASN A 758 3.35 17.70 2.67
CA ASN A 758 2.77 17.66 1.34
C ASN A 758 3.13 18.88 0.52
N GLU A 759 3.22 20.04 1.16
CA GLU A 759 3.53 21.28 0.44
C GLU A 759 5.05 21.44 0.22
N ALA A 760 5.84 21.07 1.22
CA ALA A 760 7.27 20.98 1.05
C ALA A 760 7.66 20.02 -0.11
N ASP A 761 6.97 18.89 -0.22
CA ASP A 761 7.25 17.90 -1.26
C ASP A 761 7.01 18.45 -2.67
N LYS A 762 5.97 19.23 -2.83
CA LYS A 762 5.62 19.81 -4.12
C LYS A 762 6.59 20.88 -4.59
N LEU A 763 7.08 21.69 -3.63
CA LEU A 763 8.10 22.72 -3.91
C LEU A 763 9.41 22.05 -4.28
N ARG A 764 9.78 21.03 -3.50
CA ARG A 764 11.03 20.29 -3.73
C ARG A 764 11.09 19.69 -5.12
N SER A 765 9.99 19.10 -5.55
CA SER A 765 9.89 18.47 -6.88
C SER A 765 9.80 19.49 -8.00
N ALA A 766 9.08 20.59 -7.77
CA ALA A 766 8.96 21.65 -8.79
C ALA A 766 10.29 22.34 -9.04
N LEU A 767 11.11 22.44 -8.01
CA LEU A 767 12.40 23.11 -8.12
C LEU A 767 13.33 22.36 -9.08
N ALA A 768 13.12 21.05 -9.20
CA ALA A 768 13.88 20.25 -10.16
C ALA A 768 13.48 20.49 -11.63
N CYS A 769 12.52 21.38 -11.87
CA CYS A 769 11.98 21.62 -13.21
C CYS A 769 12.63 22.80 -13.91
N SER A 770 13.61 23.44 -13.28
CA SER A 770 14.34 24.51 -13.92
C SER A 770 15.04 23.96 -15.17
N ASN A 771 15.16 24.81 -16.18
CA ASN A 771 15.88 24.46 -17.40
C ASN A 771 17.25 25.12 -17.47
N GLU A 772 17.71 25.64 -16.35
CA GLU A 772 19.04 26.20 -16.26
C GLU A 772 19.99 25.18 -15.63
N VAL A 773 20.99 24.77 -16.38
CA VAL A 773 21.99 23.82 -15.88
C VAL A 773 22.54 24.30 -14.53
N TRP A 774 22.90 25.58 -14.45
CA TRP A 774 23.59 26.09 -13.29
C TRP A 774 22.68 26.02 -12.00
N LEU A 775 21.37 26.19 -12.18
CA LEU A 775 20.42 26.07 -11.09
C LEU A 775 20.28 24.62 -10.61
N LEU A 776 20.14 23.70 -11.56
CA LEU A 776 20.06 22.28 -11.25
C LEU A 776 21.32 21.74 -10.56
N ASN A 777 22.47 22.21 -10.99
CA ASN A 777 23.75 21.81 -10.38
C ASN A 777 23.89 22.37 -8.96
N ARG A 778 23.61 23.66 -8.80
CA ARG A 778 23.55 24.31 -7.49
C ARG A 778 22.59 23.57 -6.57
N TYR A 779 21.42 23.24 -7.11
CA TYR A 779 20.40 22.52 -6.36
C TYR A 779 20.86 21.14 -5.91
N LEU A 780 21.51 20.40 -6.81
CA LEU A 780 22.15 19.14 -6.45
C LEU A 780 23.15 19.38 -5.34
N GLY A 781 23.85 20.49 -5.42
CA GLY A 781 24.85 20.84 -4.39
C GLY A 781 24.25 20.90 -3.00
N TYR A 782 22.96 21.10 -2.93
CA TYR A 782 22.26 21.24 -1.64
C TYR A 782 21.79 19.92 -1.06
N THR A 783 21.58 18.91 -1.90
CA THR A 783 20.85 17.73 -1.51
C THR A 783 21.56 16.91 -0.44
N LEU A 784 22.87 17.09 -0.31
CA LEU A 784 23.66 16.43 0.71
C LEU A 784 23.80 17.32 1.96
N ASN A 785 23.28 18.55 1.88
CA ASN A 785 23.29 19.46 3.02
C ASN A 785 22.00 19.30 3.86
N PRO A 786 22.14 18.72 5.07
CA PRO A 786 21.02 18.38 5.94
C PRO A 786 20.39 19.61 6.56
N ASP A 787 21.18 20.68 6.67
CA ASP A 787 20.64 22.02 6.98
C ASP A 787 19.61 22.50 5.96
N LEU A 788 19.82 22.19 4.67
CA LEU A 788 18.92 22.67 3.60
C LEU A 788 17.96 21.59 3.05
N ILE A 789 18.43 20.34 3.02
CA ILE A 789 17.57 19.25 2.58
C ILE A 789 17.72 18.04 3.50
N ARG A 790 16.60 17.58 4.04
CA ARG A 790 16.65 16.46 4.97
C ARG A 790 17.20 15.23 4.28
N LYS A 791 17.96 14.44 5.02
CA LYS A 791 18.58 13.23 4.45
C LYS A 791 17.55 12.27 3.87
N GLN A 792 16.41 12.15 4.50
CA GLN A 792 15.35 11.27 4.04
C GLN A 792 14.71 11.81 2.76
N ASP A 793 15.15 12.98 2.32
CA ASP A 793 14.61 13.63 1.13
C ASP A 793 15.64 13.76 0.03
N ALA A 794 16.86 13.32 0.31
CA ALA A 794 18.02 13.66 -0.53
C ALA A 794 17.96 12.89 -1.83
N THR A 795 17.78 11.57 -1.74
CA THR A 795 17.80 10.74 -2.92
C THR A 795 16.57 11.00 -3.78
N SER A 796 15.48 11.33 -3.12
CA SER A 796 14.25 11.73 -3.77
C SER A 796 14.50 12.96 -4.66
N THR A 797 15.17 13.97 -4.09
CA THR A 797 15.43 15.21 -4.79
C THR A 797 16.36 14.97 -5.97
N ILE A 798 17.40 14.18 -5.76
CA ILE A 798 18.31 13.81 -6.84
C ILE A 798 17.55 13.14 -7.99
N ASN A 799 16.62 12.24 -7.68
CA ASN A 799 15.77 11.60 -8.69
C ASN A 799 14.89 12.55 -9.46
N SER A 800 14.40 13.55 -8.76
CA SER A 800 13.56 14.56 -9.37
C SER A 800 14.36 15.37 -10.39
N ILE A 801 15.64 15.58 -10.09
CA ILE A 801 16.51 16.29 -10.99
C ILE A 801 16.85 15.41 -12.21
N ALA A 802 17.13 14.14 -11.95
CA ALA A 802 17.33 13.17 -13.02
C ALA A 802 16.14 13.08 -13.97
N SER A 803 14.94 13.20 -13.41
CA SER A 803 13.68 13.16 -14.18
C SER A 803 13.60 14.23 -15.22
N ASN A 804 14.20 15.37 -14.94
CA ASN A 804 14.30 16.49 -15.88
C ASN A 804 15.34 16.18 -16.96
N VAL A 805 14.91 16.26 -18.21
CA VAL A 805 15.75 15.81 -19.33
C VAL A 805 17.12 16.51 -19.30
N ILE A 806 17.11 17.80 -18.97
CA ILE A 806 18.33 18.59 -18.77
C ILE A 806 19.09 18.13 -17.53
N GLY A 807 18.34 17.73 -16.50
CA GLY A 807 18.95 17.24 -15.27
C GLY A 807 19.54 15.84 -15.30
N GLN A 808 19.17 15.04 -16.29
CA GLN A 808 19.63 13.67 -16.40
C GLN A 808 21.14 13.55 -16.28
N PRO A 809 21.90 14.23 -17.18
CA PRO A 809 23.35 14.10 -17.08
C PRO A 809 23.95 14.71 -15.82
N LEU A 810 23.32 15.78 -15.33
CA LEU A 810 23.78 16.42 -14.11
C LEU A 810 23.66 15.43 -12.92
N ALA A 811 22.49 14.83 -12.76
CA ALA A 811 22.26 13.87 -11.68
C ALA A 811 23.20 12.67 -11.80
N TRP A 812 23.23 12.07 -12.98
CA TRP A 812 24.05 10.91 -13.25
C TRP A 812 25.52 11.19 -12.95
N ASP A 813 26.00 12.34 -13.37
CA ASP A 813 27.38 12.75 -13.07
C ASP A 813 27.58 12.91 -11.58
N PHE A 814 26.56 13.43 -10.91
CA PHE A 814 26.65 13.78 -9.51
C PHE A 814 26.66 12.51 -8.63
N VAL A 815 25.84 11.53 -9.00
CA VAL A 815 25.84 10.25 -8.32
C VAL A 815 27.19 9.54 -8.48
N GLN A 816 27.57 9.23 -9.71
CA GLN A 816 28.88 8.64 -9.99
C GLN A 816 29.97 9.25 -9.13
N SER A 817 29.91 10.58 -9.00
CA SER A 817 31.05 11.32 -8.47
C SER A 817 31.11 11.27 -6.96
N ASN A 818 29.99 11.48 -6.32
CA ASN A 818 29.87 11.45 -4.85
C ASN A 818 29.43 10.09 -4.35
N TRP A 819 29.66 9.05 -5.14
CA TRP A 819 29.29 7.69 -4.78
C TRP A 819 30.10 7.25 -3.57
N LYS A 820 31.38 7.60 -3.57
CA LYS A 820 32.15 7.93 -2.34
C LYS A 820 31.26 8.63 -1.25
N LYS A 821 30.25 7.91 -0.78
CA LYS A 821 29.26 8.41 0.20
C LYS A 821 28.25 7.32 0.54
N LEU A 822 28.54 6.09 0.14
CA LEU A 822 28.08 4.92 0.85
C LEU A 822 28.73 4.93 2.26
N PHE A 823 29.98 5.39 2.34
CA PHE A 823 30.74 5.42 3.60
C PHE A 823 30.56 6.74 4.43
N GLN A 824 29.49 7.48 4.17
CA GLN A 824 28.88 8.36 5.18
C GLN A 824 27.44 7.98 5.45
N ASP A 825 26.87 7.12 4.60
CA ASP A 825 25.41 6.96 4.57
C ASP A 825 24.82 5.57 4.33
N TYR A 826 25.69 4.56 4.18
CA TYR A 826 25.41 3.27 4.83
C TYR A 826 25.90 3.35 6.30
N GLY A 827 26.62 4.45 6.62
CA GLY A 827 26.83 4.94 8.01
C GLY A 827 25.57 5.63 8.58
N GLY A 828 25.63 6.98 8.63
CA GLY A 828 24.55 7.78 9.27
C GLY A 828 23.17 7.66 8.59
N GLY A 829 22.40 6.62 8.95
CA GLY A 829 21.03 6.39 8.40
C GLY A 829 21.09 5.58 7.10
N SER A 830 19.96 4.93 6.76
CA SER A 830 19.86 3.93 5.66
C SER A 830 20.28 4.49 4.27
N PHE A 831 19.31 5.08 3.53
CA PHE A 831 19.54 5.97 2.39
C PHE A 831 18.75 5.59 1.11
N SER A 832 18.86 4.32 0.69
CA SER A 832 18.11 3.82 -0.51
C SER A 832 18.88 4.13 -1.80
N PHE A 833 20.19 3.84 -1.74
CA PHE A 833 21.03 3.65 -2.90
C PHE A 833 20.23 2.92 -4.01
N SER A 834 19.32 2.05 -3.62
CA SER A 834 18.54 1.29 -4.59
C SER A 834 17.60 2.13 -5.42
N ASN A 835 16.76 2.95 -4.75
CA ASN A 835 15.87 3.89 -5.43
C ASN A 835 16.61 4.99 -6.20
N LEU A 836 17.74 5.43 -5.66
CA LEU A 836 18.57 6.41 -6.33
C LEU A 836 19.08 5.86 -7.67
N ILE A 837 19.68 4.69 -7.63
CA ILE A 837 20.17 4.05 -8.83
C ILE A 837 19.09 3.84 -9.90
N GLN A 838 17.92 3.44 -9.48
CA GLN A 838 16.84 3.17 -10.42
C GLN A 838 16.35 4.47 -11.09
N GLY A 839 16.22 5.52 -10.30
CA GLY A 839 15.72 6.79 -10.77
C GLY A 839 16.67 7.40 -11.78
N VAL A 840 17.97 7.30 -11.52
CA VAL A 840 18.97 7.97 -12.34
C VAL A 840 19.42 7.14 -13.59
N THR A 841 19.19 5.84 -13.58
CA THR A 841 19.49 5.01 -14.76
C THR A 841 18.23 4.66 -15.56
N ARG A 842 17.09 5.08 -15.03
CA ARG A 842 15.78 4.73 -15.58
C ARG A 842 15.71 4.96 -17.11
N ARG A 843 16.36 6.00 -17.58
CA ARG A 843 16.28 6.43 -18.99
C ARG A 843 17.18 5.64 -19.96
N PHE A 844 18.20 4.96 -19.44
CA PHE A 844 19.28 4.43 -20.28
C PHE A 844 18.76 3.44 -21.31
N SER A 845 19.14 3.64 -22.55
CA SER A 845 18.55 2.84 -23.63
C SER A 845 19.43 2.77 -24.84
N SER A 846 20.73 2.97 -24.64
CA SER A 846 21.68 2.76 -25.72
C SER A 846 22.87 1.97 -25.22
N GLU A 847 23.56 1.35 -26.19
CA GLU A 847 24.83 0.65 -25.95
C GLU A 847 25.78 1.58 -25.18
N PHE A 848 25.87 2.84 -25.61
CA PHE A 848 26.80 3.78 -25.00
C PHE A 848 26.54 4.03 -23.50
N GLU A 849 25.29 4.17 -23.13
CA GLU A 849 24.92 4.37 -21.74
C GLU A 849 25.12 3.09 -20.95
N LEU A 850 25.03 1.95 -21.63
CA LEU A 850 25.33 0.66 -21.00
C LEU A 850 26.83 0.53 -20.73
N GLN A 851 27.66 0.97 -21.65
CA GLN A 851 29.10 1.00 -21.44
C GLN A 851 29.47 1.85 -20.23
N GLN A 852 28.72 2.94 -20.04
CA GLN A 852 28.97 3.84 -18.92
C GLN A 852 28.57 3.22 -17.62
N LEU A 853 27.47 2.50 -17.61
CA LEU A 853 27.00 1.80 -16.42
C LEU A 853 27.98 0.71 -16.03
N GLU A 854 28.48 -0.05 -17.02
CA GLU A 854 29.51 -1.08 -16.78
C GLU A 854 30.80 -0.45 -16.26
N GLN A 855 31.28 0.59 -16.96
CA GLN A 855 32.44 1.36 -16.51
C GLN A 855 32.29 1.93 -15.06
N PHE A 856 31.07 2.32 -14.70
CA PHE A 856 30.78 2.81 -13.34
C PHE A 856 30.92 1.69 -12.32
N LYS A 857 30.32 0.53 -12.63
CA LYS A 857 30.37 -0.66 -11.75
C LYS A 857 31.81 -1.06 -11.46
N LYS A 858 32.69 -0.85 -12.43
CA LYS A 858 34.09 -1.15 -12.26
C LYS A 858 34.77 -0.37 -11.13
N ASN A 859 34.06 0.45 -10.35
CA ASN A 859 34.59 0.77 -9.02
C ASN A 859 34.13 -0.29 -8.00
N ASN A 860 34.41 -1.56 -8.30
CA ASN A 860 33.91 -2.66 -7.45
C ASN A 860 34.79 -2.82 -6.24
N MET A 861 36.11 -2.65 -6.47
CA MET A 861 37.14 -2.67 -5.39
C MET A 861 36.69 -1.64 -4.32
N ASP A 862 36.21 -2.18 -3.20
CA ASP A 862 35.82 -1.38 -2.04
C ASP A 862 34.60 -0.56 -2.29
N VAL A 863 34.15 0.12 -1.24
CA VAL A 863 32.89 0.90 -1.24
C VAL A 863 31.69 -0.02 -1.48
N GLY A 864 31.67 -0.74 -2.63
CA GLY A 864 30.52 -1.58 -3.02
C GLY A 864 29.24 -0.77 -3.21
N PHE A 865 28.09 -1.39 -3.00
CA PHE A 865 26.83 -0.70 -3.20
C PHE A 865 25.82 -0.74 -2.07
N GLY A 866 26.01 -1.60 -1.09
CA GLY A 866 25.04 -1.66 -0.01
C GLY A 866 23.68 -2.18 -0.45
N SER A 867 22.63 -1.48 -0.06
CA SER A 867 21.27 -1.91 -0.37
C SER A 867 20.87 -1.71 -1.84
N GLY A 868 21.84 -1.39 -2.67
CA GLY A 868 21.61 -1.18 -4.08
C GLY A 868 22.45 -2.10 -4.95
N THR A 869 23.13 -3.04 -4.29
CA THR A 869 23.94 -4.01 -4.99
C THR A 869 23.08 -4.82 -6.00
N ARG A 870 21.90 -5.20 -5.60
CA ARG A 870 20.98 -5.92 -6.44
C ARG A 870 20.48 -4.96 -7.48
N ALA A 871 20.12 -3.77 -7.01
CA ALA A 871 19.60 -2.73 -7.86
C ALA A 871 20.51 -2.29 -8.97
N LEU A 872 21.82 -2.39 -8.80
CA LEU A 872 22.72 -2.04 -9.89
C LEU A 872 22.75 -3.13 -10.97
N GLU A 873 22.45 -4.37 -10.60
CA GLU A 873 22.36 -5.45 -11.60
C GLU A 873 21.06 -5.34 -12.36
N GLN A 874 20.01 -5.00 -11.63
CA GLN A 874 18.70 -4.71 -12.23
C GLN A 874 18.77 -3.55 -13.23
N ALA A 875 19.75 -2.66 -13.04
CA ALA A 875 19.94 -1.54 -13.96
C ALA A 875 20.57 -1.97 -15.24
N LEU A 876 21.59 -2.82 -15.14
CA LEU A 876 22.26 -3.31 -16.36
C LEU A 876 21.33 -4.20 -17.18
N GLU A 877 20.41 -4.92 -16.54
CA GLU A 877 19.44 -5.76 -17.24
C GLU A 877 18.32 -4.96 -17.89
N LYS A 878 17.89 -3.90 -17.22
CA LYS A 878 16.83 -3.05 -17.72
C LYS A 878 17.31 -2.21 -18.92
N THR A 879 18.56 -1.79 -18.89
CA THR A 879 19.17 -1.10 -20.03
C THR A 879 19.22 -2.00 -21.28
N LYS A 880 19.74 -3.21 -21.11
CA LYS A 880 19.69 -4.25 -22.16
C LYS A 880 18.29 -4.36 -22.74
N ALA A 881 17.29 -4.51 -21.86
CA ALA A 881 15.91 -4.54 -22.30
C ALA A 881 15.51 -3.28 -23.07
N ASN A 882 15.87 -2.12 -22.55
CA ASN A 882 15.57 -0.83 -23.19
C ASN A 882 16.25 -0.65 -24.56
N ILE A 883 17.53 -1.04 -24.63
CA ILE A 883 18.24 -1.02 -25.91
C ILE A 883 17.47 -1.84 -26.94
N LYS A 884 17.02 -3.02 -26.53
CA LYS A 884 16.30 -3.90 -27.44
C LYS A 884 14.96 -3.34 -27.84
N TRP A 885 14.26 -2.77 -26.89
CA TRP A 885 12.94 -2.24 -27.16
C TRP A 885 12.98 -1.00 -28.06
N VAL A 886 14.03 -0.18 -27.92
CA VAL A 886 14.16 1.04 -28.72
C VAL A 886 14.48 0.73 -30.19
N LYS A 887 15.34 -0.26 -30.45
CA LYS A 887 15.62 -0.68 -31.83
C LYS A 887 14.36 -1.22 -32.50
N GLU A 888 13.64 -2.11 -31.80
CA GLU A 888 12.44 -2.72 -32.36
C GLU A 888 11.34 -1.71 -32.66
N ASN A 889 11.32 -0.57 -31.95
CA ASN A 889 10.14 0.29 -31.89
C ASN A 889 10.29 1.72 -32.43
N LYS A 890 11.53 2.23 -32.42
CA LYS A 890 11.77 3.64 -32.73
C LYS A 890 11.15 4.10 -34.06
N GLU A 891 11.47 3.39 -35.15
CA GLU A 891 10.95 3.73 -36.48
C GLU A 891 9.44 3.73 -36.52
N VAL A 892 8.86 2.61 -36.11
CA VAL A 892 7.39 2.44 -36.14
C VAL A 892 6.71 3.54 -35.32
N VAL A 893 7.26 3.84 -34.15
CA VAL A 893 6.68 4.86 -33.27
C VAL A 893 6.87 6.27 -33.81
N LEU A 894 8.04 6.56 -34.36
CA LEU A 894 8.26 7.84 -34.96
C LEU A 894 7.22 8.15 -36.01
N ASN A 895 7.04 7.21 -36.93
CA ASN A 895 6.17 7.43 -38.09
C ASN A 895 4.70 7.49 -37.73
N TRP A 896 4.33 6.76 -36.68
CA TRP A 896 2.98 6.89 -36.14
C TRP A 896 2.69 8.29 -35.62
N PHE A 897 3.59 8.81 -34.79
CA PHE A 897 3.39 10.12 -34.18
C PHE A 897 3.43 11.21 -35.22
N ILE A 898 4.38 11.12 -36.13
CA ILE A 898 4.43 12.05 -37.27
C ILE A 898 3.08 12.06 -37.99
N GLU A 899 2.62 10.88 -38.38
CA GLU A 899 1.37 10.72 -39.13
C GLU A 899 0.08 11.09 -38.39
N HIS A 900 0.11 11.15 -37.04
CA HIS A 900 -1.12 11.45 -36.31
C HIS A 900 -1.14 12.80 -35.61
N SER A 901 -0.10 13.61 -35.80
CA SER A 901 -0.05 14.92 -35.15
C SER A 901 -0.48 16.05 -36.06
N SER A 902 -0.90 15.72 -37.28
CA SER A 902 -1.16 16.70 -38.33
C SER A 902 0.17 17.19 -38.91
#